data_3SKE
#
_entry.id   3SKE
#
_cell.length_a   90.700
_cell.length_b   107.260
_cell.length_c   134.220
_cell.angle_alpha   90.00
_cell.angle_beta   90.00
_cell.angle_gamma   90.00
#
_symmetry.space_group_name_H-M   'P 21 21 21'
#
loop_
_entity.id
_entity.type
_entity.pdbx_description
1 polymer 'HCV NS5B RNA_DEPENDENT RNA POLYMERASE'
2 non-polymer 'PHOSPHATE ION'
3 non-polymer '1-[(2-aminopyridin-4-yl)methyl]-3-(2,4-dioxo-1,2-dihydrothieno[3,4-d]pyrimidin-3(4H)-yl)-5-(trifluoromethyl)-1H-indole-2-carboxylic acid'
4 water water
#
_entity_poly.entity_id   1
_entity_poly.type   'polypeptide(L)'
_entity_poly.pdbx_seq_one_letter_code
;SMSYTWTGALITPCAAEESKLPINPLSNSLLRHHNMVYATTSRSASLRQKKVTFDRLQVLDDHYRDVLKEMKAKASTVKA
KLLSIEEACKLTPPHSAKSKFGYGAKDVRNLSSRAVNHIRSVWEDLLEDTETPIDTTIMAKSEVFCVQPEKGGRKPARLI
VFPDLGVRVCEKMALYDVVSTLPQAVMGSSYGFQYSPKQRVEFLVNTWKSKKCPMGFSYDTRCFDSTVTESDIRVEESIY
QCCDLAPEARQAIRSLTERLYIGGPLTNSKGQNCGYRRCRASGVLTTSCGNTLTCYLKATAACRAAKLQDCTMLVNGDDL
VVICESAGTQEDAAALRAFTEAMTRYSAPPGDPPQPEYDLELITSCSSNVSVAHDASGKRVYYLTRDPTTPLARAAWETA
RHTPINSWLGNIIMYAPTLWARMILMTHFFSILLAQEQLGKALDCQIYGACYSIEPLDLPQIIERLHGLSAFTLHSYSPG
EINRVASCLRKLGVPPLRTWRHRARSVRAKLLSQGGRAAICGRYLFNWAVRTKLKLTPIPAASQLDLSGWFVAGYSGGDI
YHSLSRARPRENLYFQ
;
_entity_poly.pdbx_strand_id   A,B
#
loop_
_chem_comp.id
_chem_comp.type
_chem_comp.name
_chem_comp.formula
054 non-polymer '1-[(2-aminopyridin-4-yl)methyl]-3-(2,4-dioxo-1,2-dihydrothieno[3,4-d]pyrimidin-3(4H)-yl)-5-(trifluoromethyl)-1H-indole-2-carboxylic acid' 'C22 H14 F3 N5 O4 S'
PO4 non-polymer 'PHOSPHATE ION' 'O4 P -3'
#
# COMPACT_ATOMS: atom_id res chain seq x y z
N SER A 1 -20.48 -5.09 16.83
CA SER A 1 -20.23 -4.39 18.07
C SER A 1 -21.11 -3.14 18.15
N MET A 2 -21.31 -2.60 19.36
CA MET A 2 -22.12 -1.40 19.59
C MET A 2 -21.30 -0.20 19.13
N SER A 3 -21.96 0.75 18.45
CA SER A 3 -21.32 1.99 17.97
C SER A 3 -20.79 2.79 19.18
N TYR A 4 -21.56 2.77 20.28
CA TYR A 4 -21.21 3.44 21.52
C TYR A 4 -21.63 2.63 22.73
N THR A 5 -20.92 2.83 23.85
CA THR A 5 -21.35 2.33 25.16
C THR A 5 -21.28 3.57 26.03
N TRP A 6 -22.20 3.71 26.96
CA TRP A 6 -22.27 4.89 27.82
C TRP A 6 -22.15 4.50 29.30
N THR A 7 -21.50 5.33 30.11
CA THR A 7 -21.34 5.11 31.56
C THR A 7 -22.54 5.71 32.33
N GLY A 8 -23.22 6.68 31.74
CA GLY A 8 -24.33 7.37 32.41
C GLY A 8 -23.98 8.81 32.70
N ALA A 9 -22.68 9.20 32.65
CA ALA A 9 -22.27 10.60 32.82
C ALA A 9 -22.92 11.38 31.67
N LEU A 10 -23.27 12.65 31.90
CA LEU A 10 -23.97 13.42 30.86
C LEU A 10 -23.02 14.09 29.88
N ILE A 11 -23.56 14.43 28.69
CA ILE A 11 -22.87 15.25 27.70
C ILE A 11 -23.22 16.65 28.17
N THR A 12 -22.22 17.33 28.69
CA THR A 12 -22.32 18.63 29.31
C THR A 12 -21.87 19.80 28.43
N PRO A 13 -22.42 21.03 28.65
CA PRO A 13 -21.92 22.20 27.89
C PRO A 13 -20.66 22.78 28.57
N CYS A 14 -19.89 23.63 27.88
CA CYS A 14 -18.75 24.25 28.57
C CYS A 14 -19.01 25.74 28.91
N ALA A 15 -20.21 26.24 28.54
CA ALA A 15 -20.70 27.60 28.78
C ALA A 15 -22.24 27.64 28.66
N ALA A 16 -22.85 28.84 28.83
CA ALA A 16 -24.30 29.04 28.70
C ALA A 16 -24.74 28.74 27.25
N GLU A 17 -25.91 28.11 27.07
CA GLU A 17 -26.39 27.77 25.74
C GLU A 17 -27.69 28.46 25.39
N GLU A 18 -27.75 29.04 24.19
CA GLU A 18 -28.94 29.72 23.68
C GLU A 18 -29.69 28.81 22.72
N SER A 19 -30.99 28.66 22.92
CA SER A 19 -31.81 27.84 22.01
C SER A 19 -32.82 28.71 21.22
N LYS A 20 -33.12 29.91 21.70
CA LYS A 20 -34.13 30.75 21.05
C LYS A 20 -33.51 31.87 20.29
N LEU A 21 -34.11 32.20 19.13
CA LEU A 21 -33.64 33.34 18.34
C LEU A 21 -33.96 34.61 19.13
N PRO A 22 -32.96 35.48 19.42
CA PRO A 22 -33.28 36.73 20.13
C PRO A 22 -34.23 37.63 19.31
N ILE A 23 -34.95 38.52 20.01
CA ILE A 23 -35.84 39.50 19.38
C ILE A 23 -34.93 40.73 19.21
N ASN A 24 -34.38 40.90 18.00
CA ASN A 24 -33.38 41.93 17.69
C ASN A 24 -33.85 42.70 16.44
N PRO A 25 -33.67 44.03 16.35
CA PRO A 25 -34.21 44.78 15.19
C PRO A 25 -33.65 44.40 13.82
N LEU A 26 -32.34 44.14 13.74
CA LEU A 26 -31.70 43.78 12.47
C LEU A 26 -32.12 42.40 11.98
N SER A 27 -32.21 41.40 12.89
CA SER A 27 -32.65 40.08 12.47
C SER A 27 -34.14 40.09 12.15
N ASN A 28 -34.92 40.90 12.90
CA ASN A 28 -36.36 41.06 12.69
C ASN A 28 -36.70 41.69 11.32
N SER A 29 -35.78 42.51 10.72
CA SER A 29 -35.96 43.11 9.38
C SER A 29 -35.89 42.02 8.31
N LEU A 30 -35.21 40.92 8.63
CA LEU A 30 -35.07 39.78 7.75
C LEU A 30 -36.18 38.77 7.96
N LEU A 31 -36.43 38.40 9.21
CA LEU A 31 -37.35 37.30 9.52
C LEU A 31 -38.15 37.65 10.79
N ARG A 32 -39.49 37.75 10.67
CA ARG A 32 -40.37 38.12 11.79
C ARG A 32 -40.85 37.00 12.68
N HIS A 33 -41.01 35.77 12.15
CA HIS A 33 -41.48 34.63 12.96
C HIS A 33 -40.33 34.02 13.76
N HIS A 34 -39.76 34.79 14.71
CA HIS A 34 -38.62 34.36 15.53
C HIS A 34 -38.82 33.04 16.28
N ASN A 35 -40.05 32.74 16.74
CA ASN A 35 -40.35 31.52 17.49
C ASN A 35 -40.17 30.24 16.69
N MET A 36 -40.08 30.35 15.36
CA MET A 36 -39.87 29.21 14.48
C MET A 36 -38.39 28.84 14.38
N VAL A 37 -37.50 29.72 14.84
CA VAL A 37 -36.06 29.53 14.72
C VAL A 37 -35.47 29.10 16.05
N TYR A 38 -34.75 27.97 16.03
CA TYR A 38 -34.14 27.45 17.26
C TYR A 38 -32.73 26.96 17.02
N ALA A 39 -31.94 26.85 18.11
CA ALA A 39 -30.61 26.27 18.03
C ALA A 39 -30.61 25.03 18.93
N THR A 40 -29.96 23.96 18.48
CA THR A 40 -29.82 22.74 19.27
C THR A 40 -28.86 23.01 20.44
N THR A 41 -29.04 22.32 21.57
CA THR A 41 -28.17 22.46 22.75
C THR A 41 -27.93 21.07 23.33
N SER A 42 -27.08 20.99 24.37
CA SER A 42 -26.82 19.75 25.09
C SER A 42 -28.09 19.18 25.78
N ARG A 43 -29.15 19.99 25.96
CA ARG A 43 -30.43 19.53 26.54
C ARG A 43 -31.09 18.39 25.75
N SER A 44 -30.83 18.30 24.42
CA SER A 44 -31.39 17.21 23.61
C SER A 44 -30.35 16.09 23.30
N ALA A 45 -29.13 16.16 23.88
CA ALA A 45 -28.06 15.17 23.62
C ALA A 45 -28.47 13.72 23.88
N SER A 46 -29.29 13.44 24.94
CA SER A 46 -29.73 12.07 25.24
C SER A 46 -30.61 11.48 24.18
N LEU A 47 -31.40 12.32 23.49
CA LEU A 47 -32.22 11.88 22.37
C LEU A 47 -31.30 11.45 21.22
N ARG A 48 -30.22 12.22 20.96
CA ARG A 48 -29.26 11.90 19.90
C ARG A 48 -28.49 10.63 20.26
N GLN A 49 -28.11 10.47 21.53
CA GLN A 49 -27.38 9.27 22.01
C GLN A 49 -28.15 8.00 21.69
N LYS A 50 -29.47 8.00 21.94
CA LYS A 50 -30.34 6.87 21.63
C LYS A 50 -30.32 6.52 20.14
N LYS A 51 -30.44 7.54 19.25
CA LYS A 51 -30.46 7.31 17.81
C LYS A 51 -29.14 6.78 17.23
N VAL A 52 -27.99 7.25 17.76
CA VAL A 52 -26.67 6.88 17.22
C VAL A 52 -26.08 5.58 17.82
N THR A 53 -26.72 5.05 18.87
CA THR A 53 -26.25 3.85 19.58
C THR A 53 -26.99 2.60 19.09
N PHE A 54 -26.27 1.71 18.40
CA PHE A 54 -26.84 0.46 17.88
C PHE A 54 -25.74 -0.54 17.53
N ASP A 55 -26.12 -1.82 17.43
CA ASP A 55 -25.20 -2.88 17.08
C ASP A 55 -25.04 -2.93 15.58
N ARG A 56 -23.81 -3.09 15.08
CA ARG A 56 -23.64 -3.17 13.63
C ARG A 56 -23.40 -4.60 13.26
N LEU A 57 -24.07 -5.03 12.20
CA LEU A 57 -23.91 -6.34 11.61
C LEU A 57 -23.46 -6.04 10.18
N GLN A 58 -22.25 -6.48 9.86
CA GLN A 58 -21.64 -6.23 8.56
C GLN A 58 -21.24 -7.55 7.93
N VAL A 59 -21.64 -7.77 6.68
CA VAL A 59 -21.29 -8.98 5.93
C VAL A 59 -20.68 -8.52 4.62
N LEU A 60 -19.43 -8.88 4.38
CA LEU A 60 -18.71 -8.51 3.16
C LEU A 60 -18.77 -9.65 2.15
N ASP A 61 -18.68 -9.34 0.85
CA ASP A 61 -18.74 -10.35 -0.20
C ASP A 61 -17.66 -10.12 -1.24
N ASP A 62 -17.65 -10.91 -2.32
CA ASP A 62 -16.67 -10.80 -3.40
C ASP A 62 -16.72 -9.44 -4.13
N HIS A 63 -17.93 -8.86 -4.32
CA HIS A 63 -18.04 -7.55 -4.99
C HIS A 63 -17.30 -6.49 -4.18
N TYR A 64 -17.47 -6.49 -2.84
CA TYR A 64 -16.79 -5.55 -1.95
C TYR A 64 -15.27 -5.71 -2.06
N ARG A 65 -14.78 -6.96 -2.01
CA ARG A 65 -13.33 -7.25 -2.11
C ARG A 65 -12.74 -6.84 -3.45
N ASP A 66 -13.45 -7.08 -4.57
CA ASP A 66 -12.98 -6.70 -5.91
C ASP A 66 -12.87 -5.17 -6.02
N VAL A 67 -13.89 -4.44 -5.54
CA VAL A 67 -13.87 -2.97 -5.61
C VAL A 67 -12.70 -2.44 -4.77
N LEU A 68 -12.50 -3.00 -3.56
CA LEU A 68 -11.40 -2.58 -2.69
C LEU A 68 -10.04 -2.69 -3.40
N LYS A 69 -9.79 -3.82 -4.05
CA LYS A 69 -8.54 -4.06 -4.78
C LYS A 69 -8.36 -3.05 -5.92
N GLU A 70 -9.45 -2.70 -6.64
CA GLU A 70 -9.39 -1.67 -7.70
C GLU A 70 -9.04 -0.30 -7.11
N MET A 71 -9.61 0.03 -5.95
CA MET A 71 -9.33 1.30 -5.25
C MET A 71 -7.88 1.36 -4.76
N LYS A 72 -7.39 0.24 -4.19
CA LYS A 72 -6.01 0.16 -3.69
C LYS A 72 -4.98 0.28 -4.84
N ALA A 73 -5.28 -0.31 -6.01
CA ALA A 73 -4.39 -0.18 -7.18
C ALA A 73 -4.26 1.31 -7.64
N LYS A 74 -5.33 2.11 -7.48
CA LYS A 74 -5.29 3.54 -7.80
C LYS A 74 -4.55 4.31 -6.72
N ALA A 75 -4.79 3.96 -5.43
CA ALA A 75 -4.08 4.60 -4.31
C ALA A 75 -2.55 4.39 -4.37
N SER A 76 -2.11 3.26 -4.96
N SER A 76 -2.10 3.26 -4.95
CA SER A 76 -0.72 2.86 -5.12
CA SER A 76 -0.68 2.91 -5.07
C SER A 76 0.12 3.82 -6.00
C SER A 76 0.14 3.88 -5.95
N THR A 77 -0.52 4.79 -6.70
CA THR A 77 0.14 5.80 -7.55
C THR A 77 0.50 7.05 -6.78
N VAL A 78 -0.02 7.18 -5.55
CA VAL A 78 0.14 8.38 -4.73
C VAL A 78 1.45 8.42 -3.96
N LYS A 79 2.07 9.61 -3.93
CA LYS A 79 3.24 9.88 -3.07
C LYS A 79 2.81 11.04 -2.18
N ALA A 80 2.82 10.82 -0.86
CA ALA A 80 2.38 11.83 0.10
C ALA A 80 3.55 12.30 0.95
N LYS A 81 3.53 13.58 1.25
CA LYS A 81 4.58 14.24 2.02
C LYS A 81 4.13 14.44 3.45
N LEU A 82 5.11 14.43 4.34
CA LEU A 82 4.96 14.68 5.76
C LEU A 82 5.03 16.22 5.87
N LEU A 83 4.08 16.84 6.57
CA LEU A 83 4.15 18.29 6.72
C LEU A 83 5.09 18.59 7.89
N SER A 84 5.79 19.75 7.84
CA SER A 84 6.63 20.14 8.95
C SER A 84 5.69 20.68 10.03
N ILE A 85 6.17 20.84 11.28
CA ILE A 85 5.39 21.43 12.38
C ILE A 85 4.86 22.81 11.94
N GLU A 86 5.72 23.68 11.35
CA GLU A 86 5.32 25.03 10.92
C GLU A 86 4.14 25.01 9.92
N GLU A 87 4.19 24.10 8.93
CA GLU A 87 3.10 23.97 7.94
C GLU A 87 1.81 23.52 8.62
N ALA A 88 1.90 22.54 9.55
CA ALA A 88 0.73 22.05 10.27
C ALA A 88 0.14 23.12 11.20
N CYS A 89 1.01 23.95 11.83
CA CYS A 89 0.58 25.02 12.73
C CYS A 89 -0.17 26.11 11.95
N LYS A 90 0.25 26.40 10.72
CA LYS A 90 -0.39 27.41 9.85
C LYS A 90 -1.79 27.01 9.40
N LEU A 91 -2.06 25.68 9.38
CA LEU A 91 -3.36 25.12 9.01
C LEU A 91 -4.34 25.09 10.16
N THR A 92 -3.93 25.49 11.36
CA THR A 92 -4.78 25.50 12.53
C THR A 92 -5.65 26.77 12.56
N PRO A 93 -6.99 26.63 12.63
CA PRO A 93 -7.88 27.82 12.75
C PRO A 93 -7.54 28.68 13.96
N PRO A 94 -7.52 30.02 13.82
CA PRO A 94 -7.24 30.90 14.99
C PRO A 94 -8.08 30.64 16.24
N HIS A 95 -9.31 30.14 16.06
CA HIS A 95 -10.21 29.90 17.18
C HIS A 95 -10.43 28.43 17.48
N SER A 96 -9.53 27.55 17.01
CA SER A 96 -9.61 26.11 17.27
C SER A 96 -9.60 25.90 18.79
N ALA A 97 -10.29 24.86 19.28
CA ALA A 97 -10.36 24.56 20.71
C ALA A 97 -8.97 24.44 21.37
N LYS A 98 -8.75 25.19 22.48
CA LYS A 98 -7.46 25.14 23.18
C LYS A 98 -7.10 23.73 23.68
N SER A 99 -5.82 23.51 23.88
CA SER A 99 -5.36 22.25 24.43
C SER A 99 -5.63 22.22 25.94
N LYS A 100 -5.71 21.04 26.53
CA LYS A 100 -5.85 20.92 27.96
C LYS A 100 -4.46 21.05 28.62
N PHE A 101 -3.38 21.15 27.79
CA PHE A 101 -2.00 21.21 28.26
C PHE A 101 -1.36 22.60 28.34
N GLY A 102 -2.20 23.62 28.53
CA GLY A 102 -1.75 25.00 28.76
C GLY A 102 -1.39 25.89 27.61
N TYR A 103 -1.92 25.63 26.41
CA TYR A 103 -1.70 26.47 25.24
C TYR A 103 -2.95 26.40 24.35
N GLY A 104 -3.12 27.40 23.50
CA GLY A 104 -4.26 27.50 22.61
C GLY A 104 -3.86 27.65 21.17
N ALA A 105 -4.86 27.87 20.30
CA ALA A 105 -4.67 27.98 18.84
C ALA A 105 -3.80 29.17 18.43
N LYS A 106 -3.88 30.30 19.15
CA LYS A 106 -3.01 31.46 18.88
C LYS A 106 -1.51 31.09 19.14
N ASP A 107 -1.23 30.31 20.20
CA ASP A 107 0.12 29.84 20.55
C ASP A 107 0.64 28.89 19.45
N VAL A 108 -0.23 27.99 18.97
CA VAL A 108 0.09 27.10 17.86
C VAL A 108 0.48 27.91 16.60
N ARG A 109 -0.39 28.85 16.17
CA ARG A 109 -0.14 29.68 14.98
C ARG A 109 1.12 30.54 15.10
N ASN A 110 1.45 30.99 16.33
CA ASN A 110 2.65 31.81 16.59
C ASN A 110 3.90 30.97 16.81
N LEU A 111 3.76 29.59 16.80
CA LEU A 111 4.84 28.66 17.06
C LEU A 111 5.46 28.97 18.42
N SER A 112 4.64 29.21 19.44
CA SER A 112 5.13 29.49 20.80
C SER A 112 5.94 28.27 21.27
N SER A 113 6.94 28.46 22.15
CA SER A 113 7.77 27.35 22.59
C SER A 113 6.96 26.24 23.28
N ARG A 114 5.97 26.61 24.11
CA ARG A 114 5.14 25.62 24.80
C ARG A 114 4.33 24.77 23.81
N ALA A 115 3.69 25.41 22.80
CA ALA A 115 2.90 24.72 21.78
C ALA A 115 3.79 23.75 20.99
N VAL A 116 4.92 24.24 20.44
CA VAL A 116 5.88 23.43 19.67
C VAL A 116 6.44 22.26 20.49
N ASN A 117 6.81 22.50 21.76
CA ASN A 117 7.33 21.43 22.62
C ASN A 117 6.30 20.35 22.83
N HIS A 118 5.03 20.73 23.08
CA HIS A 118 3.97 19.76 23.30
C HIS A 118 3.63 18.95 22.04
N ILE A 119 3.59 19.62 20.88
CA ILE A 119 3.32 18.98 19.58
C ILE A 119 4.43 17.94 19.27
N ARG A 120 5.70 18.32 19.49
CA ARG A 120 6.87 17.42 19.30
C ARG A 120 6.74 16.19 20.16
N SER A 121 6.33 16.37 21.43
CA SER A 121 6.17 15.24 22.36
C SER A 121 4.96 14.35 21.99
N VAL A 122 3.85 14.93 21.48
CA VAL A 122 2.69 14.15 21.02
C VAL A 122 3.14 13.32 19.79
N TRP A 123 3.90 13.95 18.87
CA TRP A 123 4.40 13.31 17.67
C TRP A 123 5.30 12.11 18.02
N GLU A 124 6.27 12.30 18.93
CA GLU A 124 7.14 11.22 19.38
C GLU A 124 6.34 10.08 20.02
N ASP A 125 5.28 10.41 20.77
CA ASP A 125 4.41 9.42 21.41
C ASP A 125 3.65 8.58 20.37
N LEU A 126 3.24 9.18 19.24
CA LEU A 126 2.57 8.43 18.17
C LEU A 126 3.56 7.46 17.51
N LEU A 127 4.81 7.87 17.42
CA LEU A 127 5.87 7.03 16.83
C LEU A 127 6.24 5.86 17.71
N GLU A 128 6.19 6.04 19.03
CA GLU A 128 6.64 5.06 20.01
C GLU A 128 5.55 4.17 20.54
N ASP A 129 4.34 4.71 20.67
CA ASP A 129 3.23 3.99 21.29
C ASP A 129 2.18 3.67 20.27
N THR A 130 1.93 2.37 20.05
CA THR A 130 0.98 1.92 19.04
C THR A 130 -0.36 1.49 19.61
N GLU A 131 -0.53 1.54 20.94
CA GLU A 131 -1.69 0.93 21.57
C GLU A 131 -2.57 1.75 22.49
N THR A 132 -2.02 2.71 23.24
CA THR A 132 -2.81 3.45 24.25
C THR A 132 -3.95 4.23 23.60
N PRO A 133 -5.21 3.95 23.94
CA PRO A 133 -6.30 4.76 23.37
C PRO A 133 -6.10 6.24 23.69
N ILE A 134 -6.37 7.06 22.69
CA ILE A 134 -6.23 8.50 22.79
C ILE A 134 -7.54 9.07 23.28
N ASP A 135 -7.48 9.94 24.25
CA ASP A 135 -8.69 10.53 24.79
C ASP A 135 -9.38 11.45 23.76
N THR A 136 -10.72 11.50 23.83
CA THR A 136 -11.51 12.42 23.01
C THR A 136 -12.55 13.11 23.88
N THR A 137 -12.91 14.32 23.49
CA THR A 137 -13.97 15.08 24.15
C THR A 137 -15.23 14.89 23.31
N ILE A 138 -16.37 14.69 23.97
CA ILE A 138 -17.67 14.60 23.30
C ILE A 138 -18.48 15.86 23.68
N MET A 139 -19.03 16.56 22.68
CA MET A 139 -19.82 17.78 22.91
C MET A 139 -21.07 17.76 22.05
N ALA A 140 -22.13 18.47 22.47
CA ALA A 140 -23.33 18.61 21.63
C ALA A 140 -23.08 19.82 20.72
N LYS A 141 -23.35 19.68 19.42
CA LYS A 141 -23.15 20.74 18.43
C LYS A 141 -24.33 21.72 18.50
N SER A 142 -24.04 23.00 18.41
CA SER A 142 -25.09 24.03 18.40
C SER A 142 -25.33 24.38 16.92
N GLU A 143 -26.46 23.97 16.37
CA GLU A 143 -26.82 24.24 14.97
C GLU A 143 -28.19 24.86 14.93
N VAL A 144 -28.44 25.79 13.99
CA VAL A 144 -29.73 26.48 13.90
C VAL A 144 -30.62 25.88 12.81
N PHE A 145 -31.91 25.69 13.14
CA PHE A 145 -32.91 25.18 12.20
C PHE A 145 -34.25 25.91 12.35
N CYS A 146 -35.18 25.63 11.43
CA CYS A 146 -36.54 26.13 11.49
C CYS A 146 -37.39 24.95 11.94
N VAL A 147 -38.39 25.19 12.80
CA VAL A 147 -39.31 24.15 13.29
C VAL A 147 -40.00 23.38 12.15
N GLN A 148 -40.32 22.08 12.39
CA GLN A 148 -40.99 21.13 11.49
C GLN A 148 -40.40 21.07 10.09
N ARG A 154 -38.62 19.13 16.71
CA ARG A 154 -37.28 19.70 16.76
C ARG A 154 -36.20 18.64 16.68
N LYS A 155 -35.15 18.89 15.90
CA LYS A 155 -34.05 17.95 15.76
C LYS A 155 -33.19 17.97 17.02
N PRO A 156 -32.74 16.81 17.52
CA PRO A 156 -31.83 16.81 18.68
C PRO A 156 -30.44 17.28 18.23
N ALA A 157 -29.60 17.74 19.17
CA ALA A 157 -28.25 18.19 18.83
C ALA A 157 -27.43 17.08 18.22
N ARG A 158 -26.55 17.40 17.27
CA ARG A 158 -25.63 16.39 16.74
C ARG A 158 -24.46 16.30 17.75
N LEU A 159 -23.76 15.17 17.77
CA LEU A 159 -22.61 14.98 18.67
C LEU A 159 -21.29 15.10 17.94
N ILE A 160 -20.37 15.87 18.51
CA ILE A 160 -19.04 16.04 17.96
C ILE A 160 -18.01 15.39 18.91
N VAL A 161 -17.06 14.63 18.35
CA VAL A 161 -16.03 13.88 19.10
C VAL A 161 -14.68 14.26 18.52
N PHE A 162 -13.79 14.85 19.34
CA PHE A 162 -12.48 15.30 18.83
C PHE A 162 -11.35 15.09 19.84
N PRO A 163 -10.10 14.85 19.37
CA PRO A 163 -8.98 14.71 20.33
C PRO A 163 -8.38 16.09 20.64
N ASP A 164 -7.42 16.16 21.58
CA ASP A 164 -6.76 17.41 21.98
C ASP A 164 -6.05 18.08 20.81
N LEU A 165 -5.92 19.42 20.88
CA LEU A 165 -5.25 20.26 19.89
C LEU A 165 -3.88 19.72 19.43
N GLY A 166 -3.04 19.27 20.38
CA GLY A 166 -1.73 18.71 20.05
C GLY A 166 -1.83 17.52 19.10
N VAL A 167 -2.80 16.62 19.37
CA VAL A 167 -3.08 15.47 18.48
C VAL A 167 -3.53 15.96 17.08
N ARG A 168 -4.41 16.98 17.04
CA ARG A 168 -4.93 17.54 15.76
C ARG A 168 -3.80 18.09 14.89
N VAL A 169 -2.81 18.77 15.47
CA VAL A 169 -1.67 19.25 14.68
C VAL A 169 -0.87 18.04 14.11
N CYS A 170 -0.65 16.99 14.93
CA CYS A 170 0.04 15.77 14.49
C CYS A 170 -0.70 15.04 13.38
N GLU A 171 -2.06 15.02 13.43
CA GLU A 171 -2.84 14.41 12.35
C GLU A 171 -2.53 15.11 11.02
N LYS A 172 -2.39 16.47 11.05
CA LYS A 172 -2.09 17.25 9.82
C LYS A 172 -0.69 16.89 9.28
N MET A 173 0.30 16.82 10.17
CA MET A 173 1.66 16.42 9.77
C MET A 173 1.68 15.08 9.05
N ALA A 174 0.98 14.06 9.60
CA ALA A 174 0.99 12.73 9.00
C ALA A 174 0.05 12.56 7.80
N LEU A 175 -1.14 13.19 7.85
CA LEU A 175 -2.21 12.91 6.91
C LEU A 175 -2.79 14.01 6.05
N TYR A 176 -2.39 15.30 6.27
CA TYR A 176 -2.93 16.41 5.48
C TYR A 176 -2.74 16.16 4.00
N ASP A 177 -1.51 15.81 3.59
CA ASP A 177 -1.26 15.56 2.17
C ASP A 177 -2.01 14.35 1.67
N VAL A 178 -2.15 13.30 2.47
CA VAL A 178 -2.90 12.07 2.05
C VAL A 178 -4.39 12.42 1.79
N VAL A 179 -5.06 13.04 2.79
CA VAL A 179 -6.49 13.34 2.67
C VAL A 179 -6.82 14.36 1.60
N SER A 180 -5.81 15.12 1.18
CA SER A 180 -5.97 16.16 0.17
C SER A 180 -5.74 15.62 -1.22
N THR A 181 -4.95 14.54 -1.38
CA THR A 181 -4.61 14.06 -2.74
C THR A 181 -5.14 12.67 -3.06
N LEU A 182 -5.16 11.77 -2.07
CA LEU A 182 -5.58 10.39 -2.30
C LEU A 182 -7.03 10.22 -2.82
N PRO A 183 -8.05 10.93 -2.28
CA PRO A 183 -9.43 10.69 -2.74
C PRO A 183 -9.64 10.86 -4.25
N GLN A 184 -9.09 11.94 -4.87
CA GLN A 184 -9.23 12.12 -6.33
C GLN A 184 -8.44 11.05 -7.10
N ALA A 185 -7.29 10.62 -6.58
CA ALA A 185 -6.51 9.57 -7.26
C ALA A 185 -7.28 8.26 -7.31
N VAL A 186 -8.04 7.97 -6.26
CA VAL A 186 -8.81 6.72 -6.12
C VAL A 186 -10.16 6.76 -6.85
N MET A 187 -10.94 7.83 -6.63
CA MET A 187 -12.30 7.93 -7.14
C MET A 187 -12.47 8.74 -8.45
N GLY A 188 -11.40 9.41 -8.89
CA GLY A 188 -11.43 10.18 -10.14
C GLY A 188 -12.53 11.23 -10.16
N SER A 189 -13.30 11.24 -11.26
CA SER A 189 -14.39 12.21 -11.47
C SER A 189 -15.56 12.06 -10.47
N SER A 190 -15.61 10.93 -9.73
CA SER A 190 -16.66 10.70 -8.72
C SER A 190 -16.46 11.45 -7.41
N TYR A 191 -15.24 11.94 -7.16
CA TYR A 191 -14.90 12.66 -5.92
C TYR A 191 -15.47 14.09 -6.01
N GLY A 192 -16.55 14.36 -5.27
CA GLY A 192 -17.26 15.64 -5.37
C GLY A 192 -16.52 16.88 -4.93
N PHE A 193 -15.61 16.77 -3.98
CA PHE A 193 -14.91 17.94 -3.43
C PHE A 193 -13.88 18.58 -4.36
N GLN A 194 -13.64 18.00 -5.53
CA GLN A 194 -12.72 18.60 -6.50
C GLN A 194 -13.42 19.69 -7.34
N TYR A 195 -14.75 19.85 -7.17
CA TYR A 195 -15.53 20.74 -8.01
C TYR A 195 -15.97 22.01 -7.35
N SER A 196 -15.92 23.12 -8.09
CA SER A 196 -16.56 24.35 -7.64
C SER A 196 -18.08 24.11 -7.89
N PRO A 197 -19.01 24.98 -7.44
CA PRO A 197 -20.43 24.73 -7.74
C PRO A 197 -20.73 24.65 -9.26
N LYS A 198 -20.05 25.50 -10.07
CA LYS A 198 -20.28 25.49 -11.53
C LYS A 198 -19.76 24.15 -12.14
N GLN A 199 -18.65 23.63 -11.61
CA GLN A 199 -18.10 22.35 -12.11
C GLN A 199 -18.99 21.19 -11.64
N ARG A 200 -19.59 21.32 -10.45
CA ARG A 200 -20.48 20.27 -9.93
C ARG A 200 -21.74 20.17 -10.81
N VAL A 201 -22.36 21.31 -11.15
CA VAL A 201 -23.53 21.28 -12.02
C VAL A 201 -23.18 20.72 -13.42
N GLU A 202 -22.01 21.12 -13.95
CA GLU A 202 -21.51 20.65 -15.25
C GLU A 202 -21.34 19.12 -15.24
N PHE A 203 -20.72 18.56 -14.17
CA PHE A 203 -20.52 17.11 -14.03
C PHE A 203 -21.86 16.38 -13.98
N LEU A 204 -22.84 16.88 -13.20
CA LEU A 204 -24.16 16.23 -13.09
C LEU A 204 -24.91 16.25 -14.42
N VAL A 205 -24.94 17.43 -15.09
CA VAL A 205 -25.62 17.62 -16.38
C VAL A 205 -24.95 16.72 -17.45
N ASN A 206 -23.61 16.75 -17.54
CA ASN A 206 -22.88 15.93 -18.53
C ASN A 206 -23.08 14.43 -18.30
N THR A 207 -23.06 14.00 -17.02
CA THR A 207 -23.26 12.60 -16.64
C THR A 207 -24.68 12.17 -17.02
N TRP A 208 -25.70 12.99 -16.67
CA TRP A 208 -27.09 12.72 -16.98
C TRP A 208 -27.30 12.54 -18.48
N LYS A 209 -26.80 13.48 -19.27
CA LYS A 209 -26.92 13.50 -20.72
C LYS A 209 -26.05 12.45 -21.43
N SER A 210 -25.03 11.88 -20.74
CA SER A 210 -24.14 10.85 -21.32
C SER A 210 -24.82 9.46 -21.40
N LYS A 211 -25.91 9.26 -20.65
CA LYS A 211 -26.64 7.99 -20.62
C LYS A 211 -27.66 7.94 -21.78
N LYS A 212 -27.88 6.74 -22.35
CA LYS A 212 -28.87 6.58 -23.43
C LYS A 212 -30.29 6.85 -22.88
N CYS A 213 -30.58 6.30 -21.68
CA CYS A 213 -31.84 6.46 -20.96
C CYS A 213 -31.47 6.61 -19.46
N PRO A 214 -31.22 7.84 -18.95
CA PRO A 214 -30.75 7.98 -17.56
C PRO A 214 -31.76 7.72 -16.46
N MET A 215 -31.26 7.20 -15.34
CA MET A 215 -31.99 7.00 -14.10
C MET A 215 -31.00 7.43 -13.00
N GLY A 216 -31.50 8.13 -12.01
CA GLY A 216 -30.69 8.58 -10.90
C GLY A 216 -31.38 8.52 -9.57
N PHE A 217 -30.59 8.43 -8.49
CA PHE A 217 -31.11 8.42 -7.14
C PHE A 217 -30.08 8.91 -6.16
N SER A 218 -30.55 9.52 -5.08
CA SER A 218 -29.70 9.88 -3.95
C SER A 218 -29.88 8.74 -2.93
N TYR A 219 -28.81 8.42 -2.19
CA TYR A 219 -28.92 7.37 -1.19
C TYR A 219 -28.50 7.98 0.14
N ASP A 220 -29.47 8.05 1.06
CA ASP A 220 -29.27 8.61 2.38
C ASP A 220 -29.04 7.50 3.40
N THR A 221 -27.82 7.44 3.96
CA THR A 221 -27.53 6.46 5.02
C THR A 221 -27.93 7.12 6.35
N ARG A 222 -28.70 6.41 7.18
CA ARG A 222 -29.07 6.93 8.49
C ARG A 222 -27.86 6.87 9.46
N CYS A 223 -27.57 8.00 10.15
CA CYS A 223 -26.48 8.15 11.13
C CYS A 223 -25.19 7.51 10.58
N PHE A 224 -24.70 7.98 9.43
CA PHE A 224 -23.55 7.36 8.75
C PHE A 224 -22.36 7.08 9.65
N ASP A 225 -21.90 8.07 10.46
CA ASP A 225 -20.74 7.89 11.32
C ASP A 225 -20.88 6.64 12.22
N SER A 226 -22.08 6.43 12.75
CA SER A 226 -22.37 5.27 13.60
C SER A 226 -22.34 3.94 12.85
N THR A 227 -22.64 3.94 11.53
CA THR A 227 -22.63 2.70 10.72
C THR A 227 -21.22 2.23 10.33
N VAL A 228 -20.24 3.13 10.46
CA VAL A 228 -18.83 2.87 10.13
C VAL A 228 -18.21 1.91 11.18
N THR A 229 -17.79 0.73 10.73
CA THR A 229 -17.26 -0.30 11.64
C THR A 229 -15.76 -0.18 11.84
N GLU A 230 -15.22 -0.91 12.82
CA GLU A 230 -13.77 -0.99 13.01
C GLU A 230 -13.11 -1.56 11.74
N SER A 231 -13.75 -2.54 11.09
CA SER A 231 -13.28 -3.14 9.85
C SER A 231 -13.21 -2.06 8.73
N ASP A 232 -14.24 -1.22 8.61
CA ASP A 232 -14.25 -0.13 7.60
C ASP A 232 -13.06 0.82 7.84
N ILE A 233 -12.78 1.13 9.11
CA ILE A 233 -11.68 2.04 9.48
C ILE A 233 -10.30 1.41 9.19
N ARG A 234 -10.17 0.09 9.36
CA ARG A 234 -8.93 -0.62 9.05
C ARG A 234 -8.76 -0.73 7.53
N VAL A 235 -9.89 -0.90 6.81
CA VAL A 235 -9.86 -0.95 5.35
C VAL A 235 -9.43 0.40 4.75
N GLU A 236 -9.89 1.48 5.38
CA GLU A 236 -9.54 2.84 4.99
C GLU A 236 -8.03 3.01 5.20
N GLU A 237 -7.51 2.56 6.36
CA GLU A 237 -6.05 2.63 6.57
C GLU A 237 -5.27 1.83 5.51
N SER A 238 -5.80 0.66 5.10
CA SER A 238 -5.14 -0.20 4.10
C SER A 238 -5.00 0.53 2.75
N ILE A 239 -5.94 1.46 2.47
CA ILE A 239 -5.87 2.30 1.28
C ILE A 239 -4.77 3.33 1.48
N TYR A 240 -4.76 4.05 2.62
CA TYR A 240 -3.72 5.06 2.94
C TYR A 240 -2.33 4.46 2.87
N GLN A 241 -2.19 3.20 3.33
CA GLN A 241 -0.90 2.48 3.36
C GLN A 241 -0.32 2.17 1.97
N CYS A 242 -1.15 2.27 0.89
CA CYS A 242 -0.68 2.08 -0.48
C CYS A 242 0.12 3.28 -0.97
N CYS A 243 0.02 4.44 -0.29
CA CYS A 243 0.80 5.62 -0.68
C CYS A 243 2.28 5.37 -0.43
N ASP A 244 3.14 6.13 -1.10
CA ASP A 244 4.55 6.19 -0.76
C ASP A 244 4.55 7.19 0.41
N LEU A 245 5.05 6.76 1.57
CA LEU A 245 5.05 7.53 2.81
C LEU A 245 6.41 7.52 3.46
N ALA A 246 6.72 8.61 4.16
CA ALA A 246 7.93 8.72 4.98
C ALA A 246 7.73 7.68 6.11
N PRO A 247 8.80 7.02 6.62
CA PRO A 247 8.59 6.01 7.68
C PRO A 247 7.82 6.54 8.89
N GLU A 248 8.09 7.81 9.33
CA GLU A 248 7.40 8.39 10.49
C GLU A 248 5.91 8.58 10.20
N ALA A 249 5.55 8.90 8.93
CA ALA A 249 4.15 9.07 8.55
C ALA A 249 3.45 7.72 8.59
N ARG A 250 4.12 6.65 8.09
CA ARG A 250 3.55 5.30 8.08
C ARG A 250 3.28 4.86 9.52
N GLN A 251 4.24 5.11 10.44
CA GLN A 251 4.03 4.76 11.84
C GLN A 251 2.92 5.62 12.48
N ALA A 252 2.93 6.93 12.22
CA ALA A 252 1.90 7.81 12.81
C ALA A 252 0.49 7.42 12.33
N ILE A 253 0.32 7.09 11.04
CA ILE A 253 -0.98 6.64 10.49
C ILE A 253 -1.43 5.32 11.16
N ARG A 254 -0.50 4.35 11.29
CA ARG A 254 -0.75 3.08 11.95
C ARG A 254 -1.21 3.32 13.42
N SER A 255 -0.47 4.17 14.16
CA SER A 255 -0.77 4.50 15.56
C SER A 255 -2.08 5.29 15.70
N LEU A 256 -2.32 6.27 14.80
CA LEU A 256 -3.56 7.05 14.81
C LEU A 256 -4.77 6.15 14.52
N THR A 257 -4.63 5.19 13.58
CA THR A 257 -5.72 4.24 13.29
C THR A 257 -6.11 3.40 14.53
N GLU A 258 -5.13 2.76 15.17
CA GLU A 258 -5.40 1.90 16.33
C GLU A 258 -5.79 2.65 17.60
N ARG A 259 -5.20 3.84 17.82
CA ARG A 259 -5.42 4.57 19.07
C ARG A 259 -6.55 5.59 19.04
N LEU A 260 -6.92 6.02 17.84
CA LEU A 260 -7.92 7.06 17.68
C LEU A 260 -9.05 6.76 16.70
N TYR A 261 -8.71 6.51 15.43
CA TYR A 261 -9.72 6.36 14.38
C TYR A 261 -10.72 5.20 14.59
N ILE A 262 -10.24 4.03 15.03
CA ILE A 262 -11.15 2.88 15.23
C ILE A 262 -12.11 3.05 16.42
N GLY A 263 -11.72 3.87 17.38
CA GLY A 263 -12.52 4.06 18.58
C GLY A 263 -11.71 4.56 19.74
N GLY A 264 -12.36 4.67 20.90
CA GLY A 264 -11.69 5.16 22.08
C GLY A 264 -12.59 5.73 23.13
N PRO A 265 -12.00 6.13 24.28
CA PRO A 265 -12.79 6.64 25.39
C PRO A 265 -13.36 8.02 25.10
N LEU A 266 -14.52 8.30 25.69
CA LEU A 266 -15.20 9.57 25.53
C LEU A 266 -15.22 10.26 26.87
N THR A 267 -14.81 11.54 26.88
CA THR A 267 -14.78 12.37 28.08
C THR A 267 -15.68 13.60 27.85
N ASN A 268 -16.51 13.98 28.84
CA ASN A 268 -17.33 15.19 28.68
C ASN A 268 -16.49 16.46 29.02
N SER A 269 -17.08 17.65 28.85
CA SER A 269 -16.45 18.96 29.10
C SER A 269 -16.00 19.13 30.58
N LYS A 270 -16.61 18.39 31.51
CA LYS A 270 -16.25 18.41 32.94
C LYS A 270 -15.11 17.42 33.28
N GLY A 271 -14.59 16.69 32.28
CA GLY A 271 -13.51 15.74 32.50
C GLY A 271 -13.97 14.37 32.96
N GLN A 272 -15.28 14.10 32.92
CA GLN A 272 -15.81 12.80 33.36
C GLN A 272 -15.80 11.80 32.23
N ASN A 273 -15.54 10.52 32.56
CA ASN A 273 -15.57 9.40 31.62
C ASN A 273 -17.03 9.20 31.23
N CYS A 274 -17.32 9.32 29.94
CA CYS A 274 -18.65 9.35 29.34
C CYS A 274 -19.05 8.05 28.67
N GLY A 275 -18.08 7.38 28.09
CA GLY A 275 -18.36 6.13 27.41
C GLY A 275 -17.23 5.75 26.50
N TYR A 276 -17.57 4.93 25.51
CA TYR A 276 -16.59 4.38 24.56
C TYR A 276 -17.19 4.36 23.16
N ARG A 277 -16.41 4.81 22.18
CA ARG A 277 -16.81 4.86 20.76
C ARG A 277 -16.16 3.69 20.00
N ARG A 278 -16.92 3.00 19.12
CA ARG A 278 -16.43 1.94 18.21
C ARG A 278 -16.86 2.25 16.75
N CYS A 279 -16.91 3.52 16.45
CA CYS A 279 -17.32 4.00 15.12
C CYS A 279 -16.53 5.26 14.78
N ARG A 280 -16.82 5.87 13.63
CA ARG A 280 -16.19 7.10 13.13
C ARG A 280 -16.36 8.28 14.12
N ALA A 281 -15.26 8.99 14.42
CA ALA A 281 -15.29 10.22 15.22
C ALA A 281 -15.60 11.34 14.19
N SER A 282 -16.52 12.26 14.51
CA SER A 282 -16.84 13.32 13.56
C SER A 282 -15.79 14.42 13.50
N GLY A 283 -14.95 14.53 14.52
CA GLY A 283 -14.00 15.63 14.61
C GLY A 283 -12.54 15.27 14.48
N VAL A 284 -12.19 14.46 13.47
CA VAL A 284 -10.80 14.08 13.17
C VAL A 284 -10.48 14.43 11.72
N LEU A 285 -9.19 14.53 11.39
CA LEU A 285 -8.82 14.95 10.03
C LEU A 285 -9.30 14.01 8.92
N THR A 286 -9.36 12.71 9.20
CA THR A 286 -9.76 11.69 8.22
C THR A 286 -11.28 11.49 8.08
N THR A 287 -12.10 12.20 8.86
CA THR A 287 -13.57 11.97 8.77
C THR A 287 -14.14 12.09 7.33
N SER A 288 -13.85 13.20 6.65
CA SER A 288 -14.40 13.44 5.30
C SER A 288 -13.83 12.45 4.29
N CYS A 289 -12.49 12.32 4.27
CA CYS A 289 -11.82 11.39 3.34
C CYS A 289 -12.27 9.95 3.58
N GLY A 290 -12.28 9.51 4.85
CA GLY A 290 -12.69 8.15 5.20
C GLY A 290 -14.14 7.87 4.86
N ASN A 291 -15.05 8.80 5.19
CA ASN A 291 -16.47 8.63 4.87
C ASN A 291 -16.67 8.57 3.37
N THR A 292 -15.95 9.43 2.59
CA THR A 292 -16.06 9.44 1.13
C THR A 292 -15.62 8.11 0.57
N LEU A 293 -14.43 7.61 0.97
CA LEU A 293 -13.90 6.33 0.50
C LEU A 293 -14.84 5.17 0.84
N THR A 294 -15.34 5.12 2.10
CA THR A 294 -16.22 4.06 2.60
C THR A 294 -17.55 4.07 1.85
N CYS A 295 -18.15 5.25 1.69
CA CYS A 295 -19.40 5.39 0.96
C CYS A 295 -19.21 4.96 -0.53
N TYR A 296 -18.13 5.40 -1.18
CA TYR A 296 -17.86 5.03 -2.57
C TYR A 296 -17.65 3.52 -2.70
N LEU A 297 -16.87 2.92 -1.78
CA LEU A 297 -16.56 1.49 -1.84
C LEU A 297 -17.87 0.66 -1.72
N LYS A 298 -18.64 0.94 -0.70
CA LYS A 298 -19.93 0.27 -0.43
C LYS A 298 -20.90 0.42 -1.57
N ALA A 299 -21.10 1.66 -2.08
CA ALA A 299 -22.01 1.92 -3.20
C ALA A 299 -21.57 1.27 -4.50
N THR A 300 -20.26 1.33 -4.82
CA THR A 300 -19.72 0.71 -6.04
C THR A 300 -19.93 -0.81 -6.04
N ALA A 301 -19.67 -1.45 -4.89
CA ALA A 301 -19.84 -2.90 -4.73
C ALA A 301 -21.36 -3.25 -4.80
N ALA A 302 -22.22 -2.45 -4.12
CA ALA A 302 -23.69 -2.62 -4.09
C ALA A 302 -24.33 -2.49 -5.50
N CYS A 303 -23.79 -1.60 -6.34
N CYS A 303 -23.78 -1.61 -6.35
N CYS A 303 -23.80 -1.60 -6.37
CA CYS A 303 -24.19 -1.36 -7.72
CA CYS A 303 -24.21 -1.39 -7.75
CA CYS A 303 -24.28 -1.42 -7.75
C CYS A 303 -24.01 -2.65 -8.56
C CYS A 303 -24.03 -2.68 -8.55
C CYS A 303 -24.03 -2.69 -8.57
N ARG A 304 -22.88 -3.36 -8.34
CA ARG A 304 -22.51 -4.62 -9.01
C ARG A 304 -23.43 -5.75 -8.52
N ALA A 305 -23.66 -5.83 -7.19
CA ALA A 305 -24.56 -6.83 -6.57
C ALA A 305 -26.01 -6.67 -7.08
N ALA A 306 -26.46 -5.41 -7.27
CA ALA A 306 -27.79 -5.04 -7.75
C ALA A 306 -27.95 -5.12 -9.26
N LYS A 307 -26.84 -5.25 -10.00
CA LYS A 307 -26.81 -5.29 -11.47
C LYS A 307 -27.30 -3.99 -12.12
N LEU A 308 -27.02 -2.85 -11.45
CA LEU A 308 -27.33 -1.54 -12.01
C LEU A 308 -26.30 -1.32 -13.12
N GLN A 309 -26.76 -0.84 -14.27
CA GLN A 309 -25.95 -0.68 -15.44
C GLN A 309 -25.31 0.71 -15.54
N ASP A 310 -24.00 0.77 -15.82
CA ASP A 310 -23.20 1.99 -16.04
C ASP A 310 -23.39 3.05 -14.92
N CYS A 311 -23.14 2.64 -13.68
CA CYS A 311 -23.28 3.48 -12.47
C CYS A 311 -22.17 4.51 -12.38
N THR A 312 -22.55 5.80 -12.38
CA THR A 312 -21.62 6.91 -12.17
C THR A 312 -22.05 7.50 -10.84
N MET A 313 -21.11 7.57 -9.91
CA MET A 313 -21.33 8.07 -8.57
C MET A 313 -20.78 9.47 -8.48
N LEU A 314 -21.35 10.24 -7.57
CA LEU A 314 -20.85 11.54 -7.17
C LEU A 314 -20.97 11.47 -5.64
N VAL A 315 -19.81 11.45 -4.97
CA VAL A 315 -19.73 11.25 -3.52
C VAL A 315 -19.04 12.40 -2.83
N ASN A 316 -19.61 12.86 -1.69
CA ASN A 316 -19.06 13.91 -0.84
C ASN A 316 -19.33 13.46 0.59
N GLY A 317 -18.35 12.84 1.25
CA GLY A 317 -18.54 12.28 2.59
C GLY A 317 -19.63 11.22 2.55
N ASP A 318 -20.67 11.36 3.37
CA ASP A 318 -21.79 10.41 3.35
C ASP A 318 -22.85 10.74 2.29
N ASP A 319 -22.69 11.83 1.55
CA ASP A 319 -23.71 12.20 0.56
C ASP A 319 -23.42 11.49 -0.73
N LEU A 320 -24.40 10.73 -1.22
CA LEU A 320 -24.23 9.90 -2.40
C LEU A 320 -25.33 10.11 -3.44
N VAL A 321 -24.93 10.32 -4.70
CA VAL A 321 -25.87 10.37 -5.83
C VAL A 321 -25.37 9.40 -6.88
N VAL A 322 -26.27 8.59 -7.43
CA VAL A 322 -25.92 7.58 -8.44
C VAL A 322 -26.69 7.90 -9.72
N ILE A 323 -25.98 7.93 -10.86
CA ILE A 323 -26.62 8.13 -12.17
C ILE A 323 -26.27 6.94 -13.03
N CYS A 324 -27.29 6.24 -13.54
CA CYS A 324 -27.02 5.03 -14.29
C CYS A 324 -27.89 4.88 -15.53
N GLU A 325 -27.70 3.77 -16.25
CA GLU A 325 -28.42 3.42 -17.46
C GLU A 325 -29.69 2.66 -17.05
N SER A 326 -30.88 3.20 -17.37
CA SER A 326 -32.15 2.55 -17.04
C SER A 326 -32.34 1.20 -17.78
N ALA A 327 -33.07 0.26 -17.16
CA ALA A 327 -33.41 -1.04 -17.74
C ALA A 327 -34.96 -1.17 -17.78
N GLY A 328 -35.65 -0.04 -17.62
CA GLY A 328 -37.10 0.02 -17.53
C GLY A 328 -37.50 0.26 -16.09
N THR A 329 -38.67 0.88 -15.88
CA THR A 329 -39.18 1.25 -14.54
C THR A 329 -39.33 0.11 -13.53
N GLN A 330 -39.84 -1.06 -13.96
CA GLN A 330 -40.03 -2.19 -13.01
C GLN A 330 -38.68 -2.80 -12.64
N GLU A 331 -37.79 -2.99 -13.64
CA GLU A 331 -36.43 -3.51 -13.48
C GLU A 331 -35.60 -2.58 -12.57
N ASP A 332 -35.65 -1.24 -12.82
CA ASP A 332 -34.94 -0.24 -12.00
C ASP A 332 -35.44 -0.26 -10.56
N ALA A 333 -36.76 -0.39 -10.35
CA ALA A 333 -37.35 -0.43 -9.01
C ALA A 333 -36.86 -1.64 -8.19
N ALA A 334 -36.73 -2.81 -8.83
CA ALA A 334 -36.24 -4.05 -8.20
C ALA A 334 -34.70 -3.97 -8.03
N ALA A 335 -33.99 -3.35 -9.00
CA ALA A 335 -32.53 -3.21 -8.91
C ALA A 335 -32.17 -2.25 -7.76
N LEU A 336 -33.00 -1.21 -7.55
CA LEU A 336 -32.76 -0.25 -6.47
C LEU A 336 -32.99 -0.90 -5.09
N ARG A 337 -34.00 -1.82 -4.99
CA ARG A 337 -34.24 -2.57 -3.75
C ARG A 337 -33.05 -3.51 -3.48
N ALA A 338 -32.48 -4.14 -4.52
CA ALA A 338 -31.30 -5.02 -4.39
C ALA A 338 -30.05 -4.19 -3.98
N PHE A 339 -29.95 -2.92 -4.46
CA PHE A 339 -28.84 -2.02 -4.10
C PHE A 339 -28.93 -1.74 -2.60
N THR A 340 -30.15 -1.42 -2.11
CA THR A 340 -30.43 -1.13 -0.71
C THR A 340 -30.13 -2.32 0.20
N GLU A 341 -30.52 -3.53 -0.24
CA GLU A 341 -30.24 -4.75 0.53
C GLU A 341 -28.72 -4.98 0.64
N ALA A 342 -27.95 -4.74 -0.45
CA ALA A 342 -26.48 -4.91 -0.43
C ALA A 342 -25.84 -3.85 0.48
N MET A 343 -26.29 -2.57 0.39
CA MET A 343 -25.77 -1.49 1.26
C MET A 343 -26.03 -1.85 2.73
N THR A 344 -27.22 -2.41 3.03
CA THR A 344 -27.59 -2.81 4.39
C THR A 344 -26.64 -3.93 4.91
N ARG A 345 -26.33 -4.92 4.07
CA ARG A 345 -25.39 -5.99 4.43
C ARG A 345 -24.00 -5.38 4.73
N TYR A 346 -23.63 -4.33 3.97
CA TYR A 346 -22.37 -3.63 4.15
C TYR A 346 -22.36 -2.69 5.34
N SER A 347 -23.46 -2.59 6.11
CA SER A 347 -23.61 -1.70 7.28
C SER A 347 -23.72 -0.25 6.80
N ALA A 348 -24.65 -0.01 5.85
CA ALA A 348 -25.00 1.33 5.36
C ALA A 348 -26.51 1.31 5.07
N PRO A 349 -27.37 1.05 6.09
CA PRO A 349 -28.83 0.99 5.83
C PRO A 349 -29.39 2.36 5.48
N PRO A 350 -30.51 2.45 4.75
CA PRO A 350 -31.03 3.77 4.38
C PRO A 350 -31.84 4.41 5.49
N GLY A 351 -31.92 5.74 5.44
CA GLY A 351 -32.78 6.54 6.29
C GLY A 351 -34.11 6.53 5.56
N ASP A 352 -34.22 7.33 4.50
CA ASP A 352 -35.40 7.35 3.63
C ASP A 352 -35.14 6.28 2.54
N PRO A 353 -36.07 5.37 2.19
CA PRO A 353 -35.76 4.40 1.12
C PRO A 353 -35.54 5.15 -0.21
N PRO A 354 -34.52 4.79 -1.02
CA PRO A 354 -34.26 5.55 -2.26
C PRO A 354 -35.35 5.41 -3.32
N GLN A 355 -35.55 6.47 -4.10
CA GLN A 355 -36.55 6.51 -5.16
C GLN A 355 -35.91 6.74 -6.52
N PRO A 356 -36.23 5.91 -7.53
CA PRO A 356 -35.65 6.15 -8.88
C PRO A 356 -36.19 7.44 -9.46
N GLU A 357 -35.32 8.22 -10.10
CA GLU A 357 -35.75 9.49 -10.70
C GLU A 357 -35.36 9.53 -12.15
N TYR A 358 -36.28 10.02 -13.00
CA TYR A 358 -36.10 10.10 -14.45
C TYR A 358 -35.96 11.52 -14.97
N ASP A 359 -35.85 12.48 -14.05
CA ASP A 359 -35.63 13.91 -14.32
C ASP A 359 -34.52 14.36 -13.36
N LEU A 360 -33.41 14.87 -13.90
CA LEU A 360 -32.26 15.36 -13.12
C LEU A 360 -32.63 16.40 -12.03
N GLU A 361 -33.58 17.30 -12.34
CA GLU A 361 -34.04 18.37 -11.43
C GLU A 361 -34.79 17.80 -10.23
N LEU A 362 -35.21 16.53 -10.28
CA LEU A 362 -35.92 15.92 -9.15
C LEU A 362 -34.98 15.26 -8.11
N ILE A 363 -33.68 15.20 -8.43
CA ILE A 363 -32.72 14.59 -7.50
C ILE A 363 -32.18 15.64 -6.51
N THR A 364 -32.20 15.31 -5.22
CA THR A 364 -31.61 16.17 -4.19
C THR A 364 -30.30 15.50 -3.76
N SER A 365 -29.18 16.18 -3.93
CA SER A 365 -27.85 15.71 -3.50
C SER A 365 -27.11 16.90 -2.90
N CYS A 366 -26.46 16.68 -1.72
CA CYS A 366 -25.80 17.72 -0.91
C CYS A 366 -26.82 18.83 -0.65
N SER A 367 -28.07 18.40 -0.32
CA SER A 367 -29.27 19.22 -0.01
C SER A 367 -29.72 20.13 -1.17
N SER A 368 -29.15 19.94 -2.35
CA SER A 368 -29.33 20.80 -3.51
C SER A 368 -29.90 20.08 -4.72
N ASN A 369 -30.52 20.84 -5.63
CA ASN A 369 -31.08 20.34 -6.88
C ASN A 369 -30.69 21.28 -8.00
N VAL A 370 -30.53 20.73 -9.19
CA VAL A 370 -30.25 21.47 -10.41
C VAL A 370 -31.55 22.19 -10.82
N SER A 371 -31.42 23.46 -11.20
CA SER A 371 -32.51 24.25 -11.71
C SER A 371 -32.00 25.02 -12.92
N VAL A 372 -32.90 25.66 -13.68
CA VAL A 372 -32.55 26.38 -14.90
C VAL A 372 -33.01 27.84 -14.84
N ALA A 373 -32.20 28.73 -15.35
CA ALA A 373 -32.62 30.13 -15.52
C ALA A 373 -32.02 30.56 -16.87
N HIS A 374 -32.14 31.85 -17.23
CA HIS A 374 -31.62 32.34 -18.51
C HIS A 374 -30.66 33.47 -18.27
N ASP A 375 -29.56 33.55 -19.04
CA ASP A 375 -28.59 34.64 -18.90
C ASP A 375 -29.07 35.88 -19.68
N ALA A 376 -28.19 36.92 -19.84
CA ALA A 376 -28.54 38.17 -20.54
C ALA A 376 -28.95 37.97 -22.00
N SER A 377 -28.31 37.02 -22.70
CA SER A 377 -28.58 36.67 -24.10
C SER A 377 -29.80 35.75 -24.27
N GLY A 378 -30.42 35.34 -23.16
CA GLY A 378 -31.58 34.44 -23.15
C GLY A 378 -31.21 32.97 -23.14
N LYS A 379 -29.90 32.64 -23.13
CA LYS A 379 -29.36 31.27 -23.11
C LYS A 379 -29.69 30.56 -21.77
N ARG A 380 -30.04 29.26 -21.85
CA ARG A 380 -30.33 28.43 -20.66
C ARG A 380 -29.05 28.22 -19.86
N VAL A 381 -29.12 28.46 -18.54
CA VAL A 381 -28.00 28.25 -17.61
C VAL A 381 -28.47 27.32 -16.49
N TYR A 382 -27.76 26.19 -16.28
CA TYR A 382 -28.06 25.30 -15.16
C TYR A 382 -27.28 25.78 -13.94
N TYR A 383 -27.88 25.66 -12.77
CA TYR A 383 -27.24 26.08 -11.52
C TYR A 383 -27.82 25.25 -10.39
N LEU A 384 -27.10 25.20 -9.25
CA LEU A 384 -27.55 24.51 -8.06
C LEU A 384 -28.22 25.46 -7.07
N THR A 385 -29.39 25.03 -6.57
CA THR A 385 -30.15 25.78 -5.57
C THR A 385 -30.59 24.80 -4.50
N ARG A 386 -31.31 25.29 -3.49
CA ARG A 386 -31.86 24.48 -2.41
C ARG A 386 -33.00 25.25 -1.80
N ASP A 387 -33.75 24.58 -0.92
CA ASP A 387 -34.84 25.22 -0.18
C ASP A 387 -34.15 26.25 0.73
N PRO A 388 -34.58 27.53 0.73
CA PRO A 388 -33.85 28.55 1.51
C PRO A 388 -34.19 28.62 2.98
N THR A 389 -35.08 27.73 3.49
CA THR A 389 -35.43 27.75 4.92
C THR A 389 -34.23 27.78 5.90
N THR A 390 -33.38 26.76 5.87
CA THR A 390 -32.24 26.67 6.79
C THR A 390 -31.27 27.86 6.60
N PRO A 391 -30.84 28.19 5.36
CA PRO A 391 -29.97 29.37 5.16
C PRO A 391 -30.56 30.67 5.72
N LEU A 392 -31.88 30.92 5.57
CA LEU A 392 -32.50 32.16 6.09
C LEU A 392 -32.59 32.17 7.62
N ALA A 393 -32.94 30.99 8.21
CA ALA A 393 -33.01 30.87 9.67
C ALA A 393 -31.62 31.11 10.27
N ARG A 394 -30.56 30.57 9.62
CA ARG A 394 -29.17 30.75 10.10
C ARG A 394 -28.67 32.15 9.90
N ALA A 395 -29.05 32.79 8.78
CA ALA A 395 -28.68 34.19 8.52
C ALA A 395 -29.35 35.10 9.56
N ALA A 396 -30.58 34.78 9.97
CA ALA A 396 -31.29 35.57 11.00
C ALA A 396 -30.54 35.46 12.35
N TRP A 397 -30.14 34.23 12.73
CA TRP A 397 -29.38 33.99 13.97
C TRP A 397 -28.06 34.78 13.98
N GLU A 398 -27.31 34.68 12.86
CA GLU A 398 -26.02 35.36 12.69
C GLU A 398 -26.14 36.87 12.66
N THR A 399 -27.31 37.40 12.31
CA THR A 399 -27.55 38.85 12.36
C THR A 399 -27.73 39.26 13.84
N ALA A 400 -28.47 38.46 14.65
CA ALA A 400 -28.73 38.80 16.08
C ALA A 400 -27.58 38.49 17.04
N ARG A 401 -26.71 37.53 16.69
CA ARG A 401 -25.59 37.11 17.54
C ARG A 401 -24.35 36.95 16.70
N HIS A 402 -23.21 37.46 17.19
CA HIS A 402 -21.94 37.26 16.51
C HIS A 402 -21.55 35.78 16.71
N THR A 403 -21.35 35.07 15.60
CA THR A 403 -21.02 33.64 15.60
C THR A 403 -19.62 33.52 14.98
N PRO A 404 -18.80 32.51 15.37
CA PRO A 404 -17.44 32.42 14.77
C PRO A 404 -17.47 32.18 13.26
N ILE A 405 -18.33 31.27 12.79
CA ILE A 405 -18.47 30.96 11.36
C ILE A 405 -19.77 31.63 10.86
N ASN A 406 -19.71 32.30 9.71
CA ASN A 406 -20.85 32.95 9.12
C ASN A 406 -21.36 32.11 7.96
N SER A 407 -22.45 31.36 8.19
CA SER A 407 -23.03 30.57 7.12
C SER A 407 -23.62 31.46 5.99
N TRP A 408 -24.10 32.68 6.32
CA TRP A 408 -24.67 33.58 5.32
C TRP A 408 -23.65 33.88 4.24
N LEU A 409 -22.38 34.07 4.66
CA LEU A 409 -21.29 34.39 3.72
C LEU A 409 -20.94 33.19 2.86
N GLY A 410 -20.92 32.01 3.46
CA GLY A 410 -20.69 30.76 2.74
C GLY A 410 -21.84 30.48 1.77
N ASN A 411 -23.09 30.81 2.18
CA ASN A 411 -24.27 30.63 1.30
C ASN A 411 -24.22 31.59 0.12
N ILE A 412 -23.79 32.85 0.35
CA ILE A 412 -23.67 33.77 -0.79
C ILE A 412 -22.64 33.24 -1.78
N ILE A 413 -21.52 32.70 -1.28
CA ILE A 413 -20.45 32.21 -2.16
C ILE A 413 -20.89 31.01 -3.00
N MET A 414 -21.43 29.99 -2.34
CA MET A 414 -21.82 28.73 -2.98
C MET A 414 -23.12 28.77 -3.76
N TYR A 415 -24.04 29.63 -3.34
CA TYR A 415 -25.35 29.77 -3.96
C TYR A 415 -25.56 31.14 -4.58
N ALA A 416 -24.46 31.83 -4.98
CA ALA A 416 -24.54 33.15 -5.63
C ALA A 416 -25.53 33.27 -6.81
N PRO A 417 -25.71 32.28 -7.73
CA PRO A 417 -26.69 32.48 -8.82
C PRO A 417 -28.16 32.37 -8.44
N THR A 418 -28.47 31.91 -7.21
CA THR A 418 -29.86 31.70 -6.78
C THR A 418 -30.62 33.00 -6.57
N LEU A 419 -31.93 32.96 -6.77
CA LEU A 419 -32.81 34.12 -6.58
C LEU A 419 -32.79 34.55 -5.08
N TRP A 420 -32.77 33.56 -4.14
CA TRP A 420 -32.77 33.89 -2.69
C TRP A 420 -31.42 34.46 -2.20
N ALA A 421 -30.28 33.96 -2.68
CA ALA A 421 -28.98 34.51 -2.25
C ALA A 421 -28.80 35.93 -2.77
N ARG A 422 -29.19 36.21 -4.03
CA ARG A 422 -29.03 37.55 -4.63
C ARG A 422 -30.00 38.61 -4.06
N MET A 423 -31.29 38.27 -4.03
CA MET A 423 -32.30 39.23 -3.60
C MET A 423 -32.39 39.40 -2.11
N ILE A 424 -32.16 38.34 -1.35
CA ILE A 424 -32.29 38.45 0.11
C ILE A 424 -30.98 38.57 0.84
N LEU A 425 -30.13 37.53 0.76
CA LEU A 425 -28.88 37.52 1.52
C LEU A 425 -27.93 38.64 1.17
N MET A 426 -27.68 38.87 -0.14
CA MET A 426 -26.77 39.97 -0.53
C MET A 426 -27.36 41.33 -0.10
N THR A 427 -28.66 41.52 -0.31
CA THR A 427 -29.33 42.79 0.04
C THR A 427 -29.26 43.03 1.55
N HIS A 428 -29.65 42.03 2.36
CA HIS A 428 -29.65 42.16 3.82
C HIS A 428 -28.26 42.47 4.41
N PHE A 429 -27.25 41.66 4.05
CA PHE A 429 -25.93 41.81 4.64
C PHE A 429 -25.16 43.02 4.14
N PHE A 430 -25.31 43.37 2.84
CA PHE A 430 -24.64 44.56 2.32
C PHE A 430 -25.24 45.81 2.96
N SER A 431 -26.56 45.82 3.22
CA SER A 431 -27.19 46.99 3.85
C SER A 431 -26.66 47.19 5.24
N ILE A 432 -26.59 46.12 6.03
CA ILE A 432 -26.11 46.17 7.43
C ILE A 432 -24.64 46.52 7.48
N LEU A 433 -23.84 45.88 6.62
CA LEU A 433 -22.40 46.13 6.64
C LEU A 433 -22.01 47.53 6.18
N LEU A 434 -22.75 48.07 5.21
CA LEU A 434 -22.49 49.41 4.70
C LEU A 434 -22.81 50.43 5.81
N ALA A 435 -23.94 50.24 6.52
CA ALA A 435 -24.37 51.09 7.63
C ALA A 435 -23.36 51.02 8.81
N GLN A 436 -22.65 49.88 8.98
CA GLN A 436 -21.66 49.74 10.06
C GLN A 436 -20.21 50.02 9.62
N GLU A 437 -19.99 50.42 8.35
CA GLU A 437 -18.67 50.65 7.72
C GLU A 437 -17.77 49.40 7.89
N GLN A 438 -18.36 48.18 7.70
CA GLN A 438 -17.67 46.91 7.85
C GLN A 438 -17.58 46.08 6.56
N LEU A 439 -17.81 46.70 5.39
CA LEU A 439 -17.72 45.99 4.09
C LEU A 439 -16.31 45.43 3.87
N GLY A 440 -15.30 46.16 4.35
CA GLY A 440 -13.90 45.75 4.20
C GLY A 440 -13.37 44.86 5.30
N LYS A 441 -14.20 44.47 6.30
CA LYS A 441 -13.75 43.66 7.43
C LYS A 441 -13.84 42.15 7.08
N ALA A 442 -12.71 41.42 7.19
CA ALA A 442 -12.67 39.98 6.89
C ALA A 442 -13.51 39.20 7.88
N LEU A 443 -14.31 38.28 7.37
CA LEU A 443 -15.19 37.44 8.19
C LEU A 443 -14.90 35.98 7.87
N ASP A 444 -15.10 35.10 8.85
CA ASP A 444 -14.85 33.69 8.62
C ASP A 444 -16.06 32.97 8.04
N CYS A 445 -15.80 32.03 7.13
CA CYS A 445 -16.84 31.19 6.53
C CYS A 445 -16.19 29.87 6.18
N GLN A 446 -16.97 28.86 5.82
CA GLN A 446 -16.43 27.57 5.47
C GLN A 446 -16.84 27.08 4.10
N ILE A 447 -15.88 26.49 3.40
CA ILE A 447 -16.05 25.92 2.07
C ILE A 447 -15.53 24.51 2.14
N TYR A 448 -16.43 23.52 1.94
CA TYR A 448 -16.09 22.11 2.03
C TYR A 448 -15.39 21.76 3.37
N GLY A 449 -15.91 22.35 4.44
CA GLY A 449 -15.39 22.12 5.79
C GLY A 449 -14.17 22.93 6.19
N ALA A 450 -13.45 23.54 5.24
CA ALA A 450 -12.26 24.35 5.56
C ALA A 450 -12.69 25.78 5.84
N CYS A 451 -12.01 26.44 6.78
N CYS A 451 -11.98 26.45 6.76
CA CYS A 451 -12.31 27.81 7.18
CA CYS A 451 -12.26 27.82 7.15
C CYS A 451 -11.50 28.81 6.36
C CYS A 451 -11.49 28.83 6.33
N TYR A 452 -12.17 29.91 5.92
CA TYR A 452 -11.55 31.01 5.11
C TYR A 452 -11.93 32.34 5.71
N SER A 453 -11.01 33.32 5.64
CA SER A 453 -11.25 34.67 6.10
C SER A 453 -11.48 35.53 4.83
N ILE A 454 -12.73 35.97 4.63
CA ILE A 454 -13.09 36.69 3.40
C ILE A 454 -13.69 38.06 3.68
N GLU A 455 -13.30 39.06 2.90
CA GLU A 455 -13.92 40.39 2.99
C GLU A 455 -15.15 40.41 2.04
N PRO A 456 -16.32 40.89 2.51
CA PRO A 456 -17.48 40.99 1.62
C PRO A 456 -17.22 41.79 0.33
N LEU A 457 -16.31 42.81 0.38
CA LEU A 457 -15.93 43.60 -0.80
C LEU A 457 -15.26 42.77 -1.91
N ASP A 458 -14.72 41.60 -1.58
CA ASP A 458 -14.07 40.73 -2.57
C ASP A 458 -15.06 39.75 -3.23
N LEU A 459 -16.33 39.73 -2.77
CA LEU A 459 -17.35 38.85 -3.34
C LEU A 459 -17.53 38.88 -4.88
N PRO A 460 -17.56 40.04 -5.60
CA PRO A 460 -17.77 39.98 -7.06
C PRO A 460 -16.76 39.10 -7.78
N GLN A 461 -15.45 39.25 -7.49
CA GLN A 461 -14.44 38.44 -8.17
C GLN A 461 -14.46 36.96 -7.78
N ILE A 462 -14.80 36.66 -6.51
CA ILE A 462 -14.92 35.27 -6.03
C ILE A 462 -16.08 34.64 -6.79
N ILE A 463 -17.25 35.33 -6.82
CA ILE A 463 -18.43 34.83 -7.50
C ILE A 463 -18.14 34.59 -9.00
N GLU A 464 -17.46 35.55 -9.65
CA GLU A 464 -17.14 35.38 -11.07
C GLU A 464 -16.35 34.10 -11.29
N ARG A 465 -15.34 33.81 -10.43
CA ARG A 465 -14.52 32.60 -10.58
C ARG A 465 -15.26 31.29 -10.34
N LEU A 466 -16.13 31.25 -9.32
CA LEU A 466 -16.90 30.06 -8.94
C LEU A 466 -18.10 29.74 -9.81
N HIS A 467 -18.73 30.80 -10.38
CA HIS A 467 -19.97 30.66 -11.13
C HIS A 467 -19.97 31.23 -12.55
N GLY A 468 -19.04 32.15 -12.86
CA GLY A 468 -19.03 32.84 -14.14
C GLY A 468 -19.85 34.12 -14.04
N LEU A 469 -19.70 35.04 -15.02
CA LEU A 469 -20.44 36.33 -15.07
C LEU A 469 -21.96 36.15 -15.13
N SER A 470 -22.44 34.98 -15.59
CA SER A 470 -23.87 34.72 -15.66
C SER A 470 -24.54 34.76 -14.28
N ALA A 471 -23.76 34.54 -13.19
CA ALA A 471 -24.31 34.63 -11.83
C ALA A 471 -24.86 36.03 -11.55
N PHE A 472 -24.39 37.06 -12.29
CA PHE A 472 -24.85 38.43 -12.13
C PHE A 472 -25.92 38.81 -13.17
N THR A 473 -26.29 37.90 -14.07
CA THR A 473 -27.26 38.22 -15.14
C THR A 473 -28.49 37.31 -15.18
N LEU A 474 -28.53 36.23 -14.36
CA LEU A 474 -29.69 35.30 -14.43
C LEU A 474 -31.02 35.98 -14.21
N HIS A 475 -32.02 35.59 -15.02
CA HIS A 475 -33.40 36.06 -14.93
C HIS A 475 -34.28 34.92 -15.47
N SER A 476 -35.60 35.07 -15.42
CA SER A 476 -36.58 34.05 -15.83
C SER A 476 -36.25 32.73 -15.12
N TYR A 477 -36.27 32.79 -13.77
CA TYR A 477 -36.04 31.64 -12.92
C TYR A 477 -37.27 30.75 -13.11
N SER A 478 -37.14 29.44 -12.82
CA SER A 478 -38.25 28.51 -13.05
C SER A 478 -39.45 28.82 -12.13
N PRO A 479 -40.72 28.62 -12.57
CA PRO A 479 -41.85 28.92 -11.66
C PRO A 479 -41.78 28.13 -10.36
N GLY A 480 -41.28 26.89 -10.44
CA GLY A 480 -41.12 26.01 -9.29
C GLY A 480 -40.15 26.56 -8.25
N GLU A 481 -39.03 27.13 -8.72
CA GLU A 481 -38.02 27.75 -7.87
C GLU A 481 -38.62 29.01 -7.21
N ILE A 482 -39.26 29.89 -8.01
CA ILE A 482 -39.89 31.12 -7.51
C ILE A 482 -40.93 30.79 -6.43
N ASN A 483 -41.79 29.79 -6.69
CA ASN A 483 -42.82 29.40 -5.73
C ASN A 483 -42.22 28.88 -4.44
N ARG A 484 -41.15 28.07 -4.52
CA ARG A 484 -40.50 27.54 -3.32
C ARG A 484 -39.98 28.68 -2.46
N VAL A 485 -39.32 29.68 -3.08
CA VAL A 485 -38.79 30.83 -2.35
C VAL A 485 -39.92 31.63 -1.71
N ALA A 486 -40.91 32.04 -2.52
CA ALA A 486 -42.07 32.81 -2.05
C ALA A 486 -42.79 32.14 -0.88
N SER A 487 -43.01 30.82 -0.96
CA SER A 487 -43.69 30.06 0.09
C SER A 487 -42.83 30.02 1.38
N CYS A 488 -41.51 29.81 1.27
CA CYS A 488 -40.61 29.83 2.42
C CYS A 488 -40.68 31.21 3.11
N LEU A 489 -40.76 32.32 2.33
CA LEU A 489 -40.81 33.67 2.93
C LEU A 489 -42.09 33.89 3.74
N ARG A 490 -43.22 33.37 3.25
CA ARG A 490 -44.49 33.52 3.99
C ARG A 490 -44.44 32.72 5.27
N LYS A 491 -43.90 31.48 5.17
CA LYS A 491 -43.76 30.56 6.28
C LYS A 491 -42.91 31.18 7.40
N LEU A 492 -41.76 31.80 7.04
CA LEU A 492 -40.84 32.37 8.04
C LEU A 492 -41.15 33.80 8.42
N GLY A 493 -42.06 34.45 7.72
CA GLY A 493 -42.35 35.86 7.99
C GLY A 493 -41.23 36.74 7.47
N VAL A 494 -40.68 36.37 6.30
CA VAL A 494 -39.63 37.15 5.65
C VAL A 494 -40.38 38.13 4.72
N PRO A 495 -40.03 39.45 4.70
CA PRO A 495 -40.67 40.38 3.76
C PRO A 495 -40.62 39.88 2.32
N PRO A 496 -41.67 40.19 1.51
CA PRO A 496 -41.72 39.67 0.13
C PRO A 496 -40.62 40.22 -0.77
N LEU A 497 -40.37 39.56 -1.90
CA LEU A 497 -39.32 39.94 -2.87
C LEU A 497 -39.42 41.39 -3.35
N ARG A 498 -40.66 41.97 -3.50
CA ARG A 498 -40.79 43.39 -3.88
C ARG A 498 -40.08 44.29 -2.87
N THR A 499 -40.13 43.93 -1.56
CA THR A 499 -39.48 44.70 -0.50
C THR A 499 -37.94 44.60 -0.64
N TRP A 500 -37.44 43.37 -0.94
CA TRP A 500 -36.00 43.11 -1.15
C TRP A 500 -35.49 43.87 -2.36
N ARG A 501 -36.28 43.94 -3.45
CA ARG A 501 -35.90 44.76 -4.63
C ARG A 501 -35.77 46.26 -4.24
N HIS A 502 -36.73 46.80 -3.42
CA HIS A 502 -36.67 48.20 -2.95
C HIS A 502 -35.40 48.42 -2.12
N ARG A 503 -35.12 47.52 -1.15
CA ARG A 503 -33.93 47.63 -0.29
C ARG A 503 -32.66 47.51 -1.12
N ALA A 504 -32.67 46.65 -2.16
CA ALA A 504 -31.47 46.47 -2.98
C ALA A 504 -31.14 47.72 -3.78
N ARG A 505 -32.17 48.42 -4.31
CA ARG A 505 -31.96 49.66 -5.07
C ARG A 505 -31.32 50.72 -4.20
N SER A 506 -31.72 50.78 -2.92
CA SER A 506 -31.15 51.70 -1.95
C SER A 506 -29.67 51.39 -1.61
N VAL A 507 -29.34 50.15 -1.24
CA VAL A 507 -27.95 49.81 -0.93
C VAL A 507 -27.05 49.95 -2.17
N ARG A 508 -27.58 49.58 -3.35
CA ARG A 508 -26.84 49.67 -4.62
C ARG A 508 -26.41 51.13 -4.88
N ALA A 509 -27.34 52.09 -4.72
CA ALA A 509 -27.03 53.52 -4.90
C ALA A 509 -25.93 53.94 -3.96
N LYS A 510 -26.01 53.54 -2.66
CA LYS A 510 -24.97 53.90 -1.68
C LYS A 510 -23.61 53.28 -2.02
N LEU A 511 -23.62 52.00 -2.49
CA LEU A 511 -22.39 51.31 -2.91
C LEU A 511 -21.75 52.04 -4.08
N LEU A 512 -22.54 52.41 -5.09
CA LEU A 512 -22.01 53.15 -6.24
C LEU A 512 -21.42 54.52 -5.87
N SER A 513 -22.03 55.21 -4.89
CA SER A 513 -21.56 56.53 -4.47
C SER A 513 -20.20 56.49 -3.76
N GLN A 514 -19.84 55.33 -3.15
CA GLN A 514 -18.56 55.16 -2.46
C GLN A 514 -17.35 54.95 -3.37
N GLY A 515 -17.60 54.62 -4.65
CA GLY A 515 -16.55 54.29 -5.60
C GLY A 515 -15.78 53.03 -5.22
N GLY A 516 -14.63 52.83 -5.84
CA GLY A 516 -13.74 51.70 -5.58
C GLY A 516 -14.40 50.33 -5.56
N ARG A 517 -14.01 49.49 -4.60
CA ARG A 517 -14.55 48.12 -4.47
C ARG A 517 -16.03 48.08 -4.16
N ALA A 518 -16.54 49.02 -3.31
CA ALA A 518 -17.97 49.11 -3.02
C ALA A 518 -18.78 49.31 -4.30
N ALA A 519 -18.31 50.21 -5.21
CA ALA A 519 -18.98 50.45 -6.49
C ALA A 519 -18.99 49.23 -7.37
N ILE A 520 -17.93 48.37 -7.29
CA ILE A 520 -17.90 47.11 -8.07
C ILE A 520 -19.00 46.21 -7.52
N CYS A 521 -19.17 46.19 -6.17
CA CYS A 521 -20.23 45.42 -5.54
C CYS A 521 -21.58 45.94 -6.00
N GLY A 522 -21.76 47.26 -6.03
CA GLY A 522 -23.01 47.87 -6.51
C GLY A 522 -23.33 47.47 -7.94
N ARG A 523 -22.34 47.60 -8.83
CA ARG A 523 -22.49 47.29 -10.24
C ARG A 523 -22.85 45.81 -10.52
N TYR A 524 -22.01 44.88 -10.03
CA TYR A 524 -22.17 43.45 -10.32
C TYR A 524 -23.22 42.75 -9.48
N LEU A 525 -23.17 42.89 -8.16
CA LEU A 525 -24.11 42.18 -7.29
C LEU A 525 -25.55 42.60 -7.38
N PHE A 526 -25.79 43.89 -7.71
CA PHE A 526 -27.14 44.46 -7.71
C PHE A 526 -27.66 44.93 -9.08
N ASN A 527 -27.09 44.41 -10.19
CA ASN A 527 -27.56 44.78 -11.53
C ASN A 527 -28.98 44.26 -11.78
N TRP A 528 -29.39 43.19 -11.06
CA TRP A 528 -30.73 42.61 -11.19
C TRP A 528 -31.82 43.56 -10.70
N ALA A 529 -31.46 44.50 -9.80
CA ALA A 529 -32.42 45.39 -9.14
C ALA A 529 -32.84 46.62 -9.97
N VAL A 530 -32.22 46.83 -11.14
CA VAL A 530 -32.52 47.99 -11.98
C VAL A 530 -32.86 47.59 -13.43
N ARG A 531 -33.64 48.45 -14.12
CA ARG A 531 -33.91 48.27 -15.55
C ARG A 531 -32.72 48.82 -16.34
N THR A 532 -32.09 49.91 -15.87
CA THR A 532 -30.96 50.53 -16.56
C THR A 532 -29.68 49.78 -16.17
N LYS A 533 -29.44 48.62 -16.82
CA LYS A 533 -28.31 47.72 -16.54
C LYS A 533 -26.97 48.36 -16.85
N LEU A 534 -26.00 48.17 -15.98
CA LEU A 534 -24.63 48.61 -16.21
C LEU A 534 -23.95 47.48 -16.97
N LYS A 535 -22.95 47.81 -17.79
CA LYS A 535 -22.24 46.80 -18.61
C LYS A 535 -21.34 45.97 -17.68
N LEU A 536 -21.45 44.61 -17.77
CA LEU A 536 -20.64 43.73 -16.91
C LEU A 536 -19.54 43.04 -17.69
N THR A 537 -18.31 43.40 -17.41
CA THR A 537 -17.15 42.81 -18.07
C THR A 537 -16.36 41.96 -17.07
N PRO A 538 -15.43 41.04 -17.49
CA PRO A 538 -14.64 40.28 -16.51
C PRO A 538 -13.91 41.21 -15.56
N ILE A 539 -13.99 40.91 -14.24
CA ILE A 539 -13.36 41.76 -13.22
C ILE A 539 -11.85 41.47 -13.22
N PRO A 540 -10.97 42.51 -13.36
CA PRO A 540 -9.51 42.24 -13.37
C PRO A 540 -8.97 41.40 -12.21
N ALA A 541 -9.42 41.68 -10.97
CA ALA A 541 -9.03 40.93 -9.76
C ALA A 541 -9.39 39.44 -9.79
N ALA A 542 -10.38 39.03 -10.61
CA ALA A 542 -10.79 37.62 -10.73
C ALA A 542 -9.70 36.69 -11.23
N SER A 543 -8.93 37.10 -12.27
CA SER A 543 -7.83 36.28 -12.82
C SER A 543 -6.62 36.19 -11.88
N GLN A 544 -6.45 37.19 -11.00
CA GLN A 544 -5.35 37.26 -10.02
C GLN A 544 -5.68 36.50 -8.73
N LEU A 545 -6.95 36.05 -8.55
CA LEU A 545 -7.40 35.32 -7.36
C LEU A 545 -6.73 33.96 -7.26
N ASP A 546 -6.11 33.68 -6.10
CA ASP A 546 -5.46 32.42 -5.81
C ASP A 546 -6.50 31.56 -5.10
N LEU A 547 -7.17 30.68 -5.85
CA LEU A 547 -8.19 29.80 -5.27
C LEU A 547 -7.65 28.36 -5.13
N SER A 548 -6.33 28.22 -5.03
CA SER A 548 -5.73 26.91 -4.80
C SER A 548 -6.16 26.48 -3.37
N GLY A 549 -6.57 25.23 -3.23
CA GLY A 549 -7.04 24.72 -1.96
C GLY A 549 -8.53 24.83 -1.77
N TRP A 550 -9.22 25.65 -2.57
CA TRP A 550 -10.67 25.83 -2.40
C TRP A 550 -11.49 24.59 -2.73
N PHE A 551 -11.23 24.00 -3.90
CA PHE A 551 -12.00 22.85 -4.36
C PHE A 551 -11.07 21.70 -4.67
N VAL A 552 -10.40 21.19 -3.63
CA VAL A 552 -9.44 20.08 -3.76
C VAL A 552 -9.99 18.89 -3.01
N ALA A 553 -10.36 19.10 -1.74
CA ALA A 553 -10.82 18.04 -0.87
C ALA A 553 -11.79 18.55 0.20
N GLY A 554 -12.46 17.62 0.87
CA GLY A 554 -13.38 17.90 1.98
C GLY A 554 -12.64 17.83 3.29
N TYR A 555 -12.96 18.73 4.24
CA TYR A 555 -12.26 18.76 5.51
C TYR A 555 -13.21 18.90 6.69
N SER A 556 -14.50 18.59 6.51
CA SER A 556 -15.45 18.71 7.64
C SER A 556 -14.99 17.95 8.87
N GLY A 557 -14.93 18.67 9.99
CA GLY A 557 -14.47 18.18 11.29
C GLY A 557 -12.97 18.08 11.42
N GLY A 558 -12.25 18.38 10.33
CA GLY A 558 -10.80 18.26 10.23
C GLY A 558 -9.98 19.40 10.80
N ASP A 559 -10.64 20.44 11.35
CA ASP A 559 -9.97 21.56 12.01
C ASP A 559 -8.96 22.24 11.05
N ILE A 560 -9.42 22.55 9.81
CA ILE A 560 -8.55 23.12 8.76
C ILE A 560 -8.83 24.60 8.49
N TYR A 561 -7.75 25.41 8.40
CA TYR A 561 -7.83 26.84 8.08
C TYR A 561 -7.02 27.05 6.80
N HIS A 562 -7.63 27.65 5.78
CA HIS A 562 -6.99 27.75 4.47
C HIS A 562 -6.62 29.15 4.02
N SER A 563 -6.76 30.15 4.88
CA SER A 563 -6.35 31.51 4.54
C SER A 563 -4.86 31.72 4.86
N LEU A 564 -4.19 32.68 4.19
CA LEU A 564 -2.77 32.97 4.36
C LEU A 564 -2.33 33.30 5.79
N SER A 565 -1.13 32.82 6.15
CA SER A 565 -0.51 33.05 7.45
C SER A 565 0.37 34.31 7.37
N ARG A 566 0.25 35.19 8.37
CA ARG A 566 1.06 36.40 8.43
C ARG A 566 2.48 36.04 8.88
N ALA A 567 3.50 36.53 8.14
CA ALA A 567 4.92 36.30 8.41
C ALA A 567 5.37 36.74 9.81
N ARG A 568 6.52 36.20 10.29
CA ARG A 568 7.07 36.54 11.59
C ARG A 568 8.58 36.75 11.48
N SER B 1 25.32 6.17 2.74
CA SER B 1 25.88 5.70 4.00
C SER B 1 26.73 4.44 3.77
N MET B 2 27.57 4.11 4.75
CA MET B 2 28.44 2.93 4.70
C MET B 2 27.58 1.71 4.93
N SER B 3 27.80 0.65 4.11
CA SER B 3 27.09 -0.63 4.23
C SER B 3 27.36 -1.28 5.59
N TYR B 4 28.61 -1.09 6.09
CA TYR B 4 29.06 -1.57 7.39
C TYR B 4 30.01 -0.60 8.06
N THR B 5 29.96 -0.54 9.39
CA THR B 5 30.88 0.18 10.28
C THR B 5 31.46 -0.93 11.17
N TRP B 6 32.78 -0.93 11.42
CA TRP B 6 33.42 -1.97 12.22
C TRP B 6 34.11 -1.39 13.46
N THR B 7 34.08 -2.12 14.58
CA THR B 7 34.69 -1.71 15.85
C THR B 7 36.16 -2.18 15.98
N GLY B 8 36.53 -3.19 15.20
CA GLY B 8 37.83 -3.83 15.28
C GLY B 8 37.72 -5.22 15.90
N ALA B 9 36.56 -5.52 16.55
CA ALA B 9 36.33 -6.85 17.12
C ALA B 9 36.26 -7.85 15.94
N LEU B 10 36.76 -9.06 16.14
CA LEU B 10 36.85 -10.04 15.06
C LEU B 10 35.58 -10.85 14.85
N ILE B 11 35.41 -11.38 13.63
CA ILE B 11 34.32 -12.31 13.31
C ILE B 11 34.96 -13.60 13.76
N THR B 12 34.41 -14.18 14.83
CA THR B 12 34.97 -15.38 15.47
C THR B 12 34.18 -16.64 15.14
N PRO B 13 34.82 -17.84 15.17
CA PRO B 13 34.03 -19.08 14.98
C PRO B 13 33.35 -19.48 16.28
N CYS B 14 32.46 -20.48 16.27
CA CYS B 14 31.83 -20.94 17.52
C CYS B 14 32.18 -22.41 17.81
N ALA B 15 33.04 -23.00 16.94
CA ALA B 15 33.56 -24.37 16.98
C ALA B 15 34.80 -24.42 16.08
N ALA B 16 35.59 -25.52 16.15
CA ALA B 16 36.78 -25.67 15.31
C ALA B 16 36.37 -25.72 13.83
N GLU B 17 37.13 -25.01 12.98
CA GLU B 17 36.84 -24.89 11.55
C GLU B 17 37.82 -25.69 10.70
N GLU B 18 37.28 -26.50 9.78
CA GLU B 18 38.06 -27.31 8.86
C GLU B 18 38.21 -26.57 7.53
N SER B 19 39.45 -26.48 7.01
CA SER B 19 39.74 -25.78 5.75
C SER B 19 40.27 -26.71 4.65
N LYS B 20 40.73 -27.91 5.02
CA LYS B 20 41.30 -28.86 4.08
C LYS B 20 40.62 -30.20 4.19
N LEU B 21 40.70 -31.01 3.10
CA LEU B 21 40.17 -32.37 3.06
C LEU B 21 40.96 -33.20 4.09
N PRO B 22 40.30 -34.12 4.83
CA PRO B 22 41.06 -34.89 5.83
C PRO B 22 42.05 -35.87 5.18
N ILE B 23 43.14 -36.18 5.89
CA ILE B 23 44.15 -37.13 5.44
C ILE B 23 43.52 -38.52 5.68
N ASN B 24 42.65 -38.93 4.72
CA ASN B 24 41.86 -40.16 4.76
C ASN B 24 41.71 -40.82 3.38
N PRO B 25 41.53 -42.17 3.31
CA PRO B 25 41.35 -42.82 2.00
C PRO B 25 39.96 -42.59 1.37
N LEU B 26 38.98 -42.18 2.18
CA LEU B 26 37.62 -41.88 1.70
C LEU B 26 37.61 -40.53 0.98
N SER B 27 36.96 -40.51 -0.22
CA SER B 27 36.85 -39.41 -1.19
C SER B 27 37.97 -39.38 -2.24
N ASN B 28 38.99 -40.25 -2.06
CA ASN B 28 40.12 -40.38 -2.99
C ASN B 28 39.71 -41.14 -4.26
N SER B 29 38.67 -41.98 -4.15
CA SER B 29 38.09 -42.77 -5.25
C SER B 29 37.36 -41.84 -6.23
N LEU B 30 36.90 -40.67 -5.74
CA LEU B 30 36.22 -39.66 -6.52
C LEU B 30 37.20 -38.61 -7.05
N LEU B 31 38.05 -38.05 -6.17
CA LEU B 31 38.96 -36.96 -6.48
C LEU B 31 40.37 -37.24 -5.95
N ARG B 32 41.42 -37.06 -6.79
CA ARG B 32 42.82 -37.31 -6.41
C ARG B 32 43.56 -36.06 -5.93
N HIS B 33 43.40 -34.92 -6.64
CA HIS B 33 44.08 -33.66 -6.28
C HIS B 33 43.39 -32.96 -5.10
N HIS B 34 43.54 -33.56 -3.90
CA HIS B 34 42.97 -33.11 -2.63
C HIS B 34 43.39 -31.71 -2.20
N ASN B 35 44.62 -31.27 -2.56
CA ASN B 35 45.16 -29.95 -2.21
C ASN B 35 44.48 -28.80 -2.96
N MET B 36 43.71 -29.13 -4.01
CA MET B 36 42.96 -28.16 -4.82
C MET B 36 41.63 -27.78 -4.17
N VAL B 37 41.12 -28.63 -3.27
CA VAL B 37 39.84 -28.47 -2.59
C VAL B 37 40.03 -27.78 -1.23
N TYR B 38 39.32 -26.67 -0.98
CA TYR B 38 39.39 -25.95 0.30
C TYR B 38 38.02 -25.50 0.80
N ALA B 39 37.92 -25.25 2.12
CA ALA B 39 36.71 -24.72 2.74
C ALA B 39 37.06 -23.37 3.36
N THR B 40 36.17 -22.39 3.19
CA THR B 40 36.35 -21.07 3.75
C THR B 40 36.13 -21.15 5.28
N THR B 41 36.84 -20.29 6.01
CA THR B 41 36.78 -20.19 7.48
C THR B 41 36.78 -18.71 7.87
N SER B 42 36.64 -18.42 9.18
CA SER B 42 36.68 -17.08 9.76
C SER B 42 38.04 -16.41 9.58
N ARG B 43 39.07 -17.16 9.14
CA ARG B 43 40.43 -16.62 8.94
C ARG B 43 40.51 -15.61 7.79
N SER B 44 39.68 -15.78 6.74
CA SER B 44 39.63 -14.86 5.61
C SER B 44 38.50 -13.80 5.75
N ALA B 45 37.78 -13.77 6.89
CA ALA B 45 36.67 -12.80 7.08
C ALA B 45 37.06 -11.33 6.83
N SER B 46 38.29 -10.93 7.23
CA SER B 46 38.81 -9.56 7.05
C SER B 46 38.87 -9.17 5.57
N LEU B 47 39.21 -10.14 4.70
CA LEU B 47 39.27 -9.97 3.25
C LEU B 47 37.85 -9.72 2.71
N ARG B 48 36.84 -10.45 3.25
CA ARG B 48 35.44 -10.24 2.85
C ARG B 48 34.94 -8.88 3.30
N GLN B 49 35.27 -8.49 4.52
CA GLN B 49 34.87 -7.19 5.08
C GLN B 49 35.31 -6.03 4.17
N LYS B 50 36.50 -6.14 3.54
CA LYS B 50 37.02 -5.10 2.66
C LYS B 50 36.19 -4.98 1.39
N LYS B 51 35.75 -6.12 0.85
CA LYS B 51 34.89 -6.21 -0.34
C LYS B 51 33.48 -5.67 -0.06
N VAL B 52 32.92 -5.99 1.13
CA VAL B 52 31.53 -5.64 1.49
C VAL B 52 31.29 -4.24 2.07
N THR B 53 32.38 -3.56 2.50
CA THR B 53 32.33 -2.24 3.16
C THR B 53 32.58 -1.09 2.17
N PHE B 54 31.53 -0.33 1.86
CA PHE B 54 31.60 0.82 0.96
C PHE B 54 30.43 1.78 1.16
N ASP B 55 30.60 3.02 0.71
CA ASP B 55 29.55 4.02 0.77
C ASP B 55 28.68 3.81 -0.46
N ARG B 56 27.37 3.88 -0.26
CA ARG B 56 26.45 3.72 -1.37
C ARG B 56 25.94 5.06 -1.73
N LEU B 57 26.11 5.43 -2.99
CA LEU B 57 25.59 6.67 -3.53
C LEU B 57 24.45 6.18 -4.41
N GLN B 58 23.25 6.71 -4.20
CA GLN B 58 22.10 6.26 -4.96
C GLN B 58 21.31 7.46 -5.43
N VAL B 59 21.00 7.49 -6.73
CA VAL B 59 20.21 8.56 -7.36
C VAL B 59 19.05 7.91 -8.09
N LEU B 60 17.83 8.22 -7.65
CA LEU B 60 16.60 7.69 -8.25
C LEU B 60 16.00 8.67 -9.24
N ASP B 61 15.41 8.15 -10.33
CA ASP B 61 14.84 9.00 -11.39
C ASP B 61 13.37 8.66 -11.67
N ASP B 62 12.77 9.29 -12.71
CA ASP B 62 11.37 9.07 -13.08
C ASP B 62 11.10 7.64 -13.52
N HIS B 63 12.05 7.02 -14.25
CA HIS B 63 11.88 5.64 -14.68
C HIS B 63 11.73 4.68 -13.47
N TYR B 64 12.55 4.88 -12.41
CA TYR B 64 12.51 4.09 -11.18
C TYR B 64 11.14 4.29 -10.50
N ARG B 65 10.72 5.55 -10.34
CA ARG B 65 9.43 5.86 -9.73
C ARG B 65 8.22 5.26 -10.46
N ASP B 66 8.23 5.28 -11.82
CA ASP B 66 7.16 4.72 -12.64
C ASP B 66 7.03 3.22 -12.44
N VAL B 67 8.17 2.50 -12.49
CA VAL B 67 8.19 1.04 -12.32
C VAL B 67 7.73 0.68 -10.90
N LEU B 68 8.15 1.45 -9.89
CA LEU B 68 7.72 1.14 -8.52
C LEU B 68 6.19 1.24 -8.41
N LYS B 69 5.59 2.30 -8.97
CA LYS B 69 4.12 2.47 -8.97
C LYS B 69 3.43 1.31 -9.68
N GLU B 70 3.99 0.83 -10.81
CA GLU B 70 3.43 -0.35 -11.52
C GLU B 70 3.46 -1.62 -10.63
N MET B 71 4.58 -1.81 -9.92
CA MET B 71 4.77 -2.97 -9.04
C MET B 71 3.80 -2.88 -7.84
N LYS B 72 3.61 -1.68 -7.28
CA LYS B 72 2.70 -1.50 -6.14
C LYS B 72 1.23 -1.76 -6.53
N ALA B 73 0.83 -1.39 -7.75
CA ALA B 73 -0.55 -1.60 -8.25
C ALA B 73 -0.88 -3.11 -8.27
N LYS B 74 0.10 -3.96 -8.66
CA LYS B 74 -0.05 -5.41 -8.68
C LYS B 74 -0.03 -5.98 -7.26
N ALA B 75 0.85 -5.47 -6.38
CA ALA B 75 0.93 -5.90 -4.96
C ALA B 75 -0.40 -5.64 -4.21
N SER B 76 -1.12 -4.55 -4.59
N SER B 76 -1.14 -4.57 -4.62
CA SER B 76 -2.39 -4.19 -3.95
CA SER B 76 -2.42 -4.14 -4.05
C SER B 76 -3.52 -5.22 -4.19
C SER B 76 -3.52 -5.21 -4.21
N THR B 77 -3.31 -6.20 -5.08
CA THR B 77 -4.27 -7.30 -5.34
C THR B 77 -4.11 -8.44 -4.29
N VAL B 78 -3.00 -8.42 -3.51
CA VAL B 78 -2.65 -9.49 -2.57
C VAL B 78 -3.33 -9.38 -1.21
N LYS B 79 -3.87 -10.50 -0.72
CA LYS B 79 -4.41 -10.62 0.64
C LYS B 79 -3.48 -11.61 1.36
N ALA B 80 -2.80 -11.18 2.40
CA ALA B 80 -1.86 -12.06 3.10
C ALA B 80 -2.36 -12.45 4.47
N LYS B 81 -2.14 -13.71 4.82
CA LYS B 81 -2.59 -14.19 6.13
C LYS B 81 -1.49 -14.20 7.17
N LEU B 82 -1.89 -14.00 8.40
CA LEU B 82 -1.05 -14.09 9.57
C LEU B 82 -0.96 -15.61 9.90
N LEU B 83 0.25 -16.18 9.98
CA LEU B 83 0.43 -17.59 10.34
C LEU B 83 0.27 -17.76 11.86
N SER B 84 -0.32 -18.90 12.29
CA SER B 84 -0.41 -19.22 13.72
C SER B 84 0.99 -19.57 14.22
N ILE B 85 1.21 -19.57 15.54
CA ILE B 85 2.50 -19.95 16.13
C ILE B 85 2.86 -21.37 15.70
N GLU B 86 1.87 -22.29 15.72
CA GLU B 86 2.06 -23.69 15.32
C GLU B 86 2.48 -23.84 13.85
N GLU B 87 1.87 -23.06 12.94
CA GLU B 87 2.25 -23.13 11.51
C GLU B 87 3.69 -22.65 11.33
N ALA B 88 4.08 -21.55 12.04
CA ALA B 88 5.42 -20.96 11.95
C ALA B 88 6.48 -21.93 12.56
N CYS B 89 6.16 -22.56 13.70
CA CYS B 89 7.02 -23.56 14.36
C CYS B 89 7.30 -24.77 13.44
N LYS B 90 6.29 -25.25 12.73
CA LYS B 90 6.39 -26.37 11.78
C LYS B 90 7.28 -26.03 10.53
N LEU B 91 7.51 -24.73 10.24
CA LEU B 91 8.39 -24.33 9.12
C LEU B 91 9.85 -24.20 9.55
N THR B 92 10.13 -24.37 10.84
CA THR B 92 11.47 -24.22 11.35
C THR B 92 12.27 -25.50 11.09
N PRO B 93 13.46 -25.43 10.45
CA PRO B 93 14.28 -26.65 10.27
C PRO B 93 14.70 -27.30 11.61
N PRO B 94 14.68 -28.66 11.69
CA PRO B 94 15.12 -29.35 12.93
C PRO B 94 16.49 -28.92 13.47
N HIS B 95 17.39 -28.50 12.59
CA HIS B 95 18.74 -28.11 13.00
C HIS B 95 19.04 -26.63 12.97
N SER B 96 17.99 -25.78 12.93
CA SER B 96 18.13 -24.31 12.97
C SER B 96 18.92 -23.87 14.21
N ALA B 97 19.69 -22.76 14.11
CA ALA B 97 20.54 -22.28 15.22
C ALA B 97 19.68 -22.07 16.48
N LYS B 98 20.12 -22.64 17.62
CA LYS B 98 19.36 -22.55 18.86
C LYS B 98 19.23 -21.10 19.32
N SER B 99 18.23 -20.81 20.13
CA SER B 99 18.05 -19.46 20.66
C SER B 99 19.06 -19.17 21.77
N LYS B 100 19.36 -17.88 22.04
CA LYS B 100 20.18 -17.56 23.20
C LYS B 100 19.32 -17.64 24.50
N PHE B 101 18.00 -17.85 24.35
CA PHE B 101 17.02 -17.92 25.44
C PHE B 101 16.76 -19.32 26.06
N GLY B 102 17.68 -20.26 25.84
CA GLY B 102 17.64 -21.58 26.48
C GLY B 102 16.71 -22.61 25.88
N TYR B 103 16.49 -22.54 24.56
CA TYR B 103 15.69 -23.52 23.83
C TYR B 103 16.25 -23.61 22.43
N GLY B 104 15.97 -24.71 21.74
CA GLY B 104 16.47 -24.89 20.38
C GLY B 104 15.38 -25.16 19.37
N ALA B 105 15.77 -25.55 18.16
CA ALA B 105 14.83 -25.82 17.08
C ALA B 105 13.87 -26.97 17.37
N LYS B 106 14.34 -28.04 18.05
CA LYS B 106 13.47 -29.20 18.38
C LYS B 106 12.36 -28.76 19.35
N ASP B 107 12.69 -27.83 20.29
CA ASP B 107 11.75 -27.25 21.26
C ASP B 107 10.69 -26.43 20.53
N VAL B 108 11.11 -25.62 19.53
CA VAL B 108 10.18 -24.83 18.69
C VAL B 108 9.20 -25.80 17.98
N ARG B 109 9.74 -26.82 17.28
CA ARG B 109 8.93 -27.80 16.54
C ARG B 109 7.98 -28.59 17.45
N ASN B 110 8.35 -28.79 18.74
CA ASN B 110 7.47 -29.48 19.70
C ASN B 110 6.56 -28.53 20.46
N LEU B 111 6.66 -27.20 20.18
CA LEU B 111 5.88 -26.17 20.87
C LEU B 111 6.07 -26.25 22.40
N SER B 112 7.33 -26.33 22.84
CA SER B 112 7.63 -26.38 24.29
C SER B 112 7.25 -25.04 24.89
N SER B 113 6.86 -25.05 26.17
CA SER B 113 6.42 -23.81 26.84
C SER B 113 7.49 -22.71 26.83
N ARG B 114 8.78 -23.06 26.99
CA ARG B 114 9.83 -22.06 26.96
C ARG B 114 9.96 -21.43 25.56
N ALA B 115 9.89 -22.26 24.50
CA ALA B 115 9.99 -21.76 23.10
C ALA B 115 8.81 -20.81 22.81
N VAL B 116 7.58 -21.27 23.09
CA VAL B 116 6.34 -20.51 22.93
C VAL B 116 6.36 -19.21 23.76
N ASN B 117 6.83 -19.27 25.01
CA ASN B 117 6.93 -18.07 25.85
C ASN B 117 7.82 -17.05 25.18
N HIS B 118 8.96 -17.50 24.60
CA HIS B 118 9.84 -16.56 23.92
C HIS B 118 9.19 -15.95 22.67
N ILE B 119 8.66 -16.80 21.80
CA ILE B 119 8.00 -16.39 20.55
C ILE B 119 6.91 -15.35 20.84
N ARG B 120 6.00 -15.62 21.82
CA ARG B 120 4.94 -14.65 22.20
C ARG B 120 5.54 -13.34 22.72
N SER B 121 6.59 -13.38 23.56
CA SER B 121 7.20 -12.14 24.08
C SER B 121 7.85 -11.33 22.95
N VAL B 122 8.47 -12.02 21.97
CA VAL B 122 9.10 -11.34 20.81
C VAL B 122 7.98 -10.62 20.00
N TRP B 123 6.90 -11.34 19.70
CA TRP B 123 5.75 -10.82 18.94
C TRP B 123 5.18 -9.57 19.63
N GLU B 124 4.89 -9.67 20.96
CA GLU B 124 4.38 -8.54 21.73
C GLU B 124 5.37 -7.36 21.70
N ASP B 125 6.68 -7.65 21.78
CA ASP B 125 7.71 -6.59 21.73
C ASP B 125 7.73 -5.88 20.35
N LEU B 126 7.41 -6.59 19.25
CA LEU B 126 7.34 -5.94 17.93
C LEU B 126 6.16 -4.96 17.87
N LEU B 127 5.12 -5.19 18.70
CA LEU B 127 3.97 -4.29 18.78
C LEU B 127 4.21 -3.15 19.73
N GLU B 128 5.05 -3.35 20.76
CA GLU B 128 5.29 -2.36 21.82
C GLU B 128 6.48 -1.47 21.54
N ASP B 129 7.42 -1.94 20.72
CA ASP B 129 8.65 -1.17 20.46
C ASP B 129 8.80 -1.12 18.91
N THR B 130 8.72 0.08 18.37
CA THR B 130 8.74 0.37 16.94
C THR B 130 10.14 0.79 16.45
N GLU B 131 11.11 0.97 17.36
CA GLU B 131 12.42 1.50 16.99
C GLU B 131 13.73 0.87 17.47
N THR B 132 13.77 0.20 18.63
CA THR B 132 15.03 -0.33 19.18
C THR B 132 15.67 -1.34 18.21
N PRO B 133 16.89 -1.10 17.68
CA PRO B 133 17.48 -2.08 16.75
C PRO B 133 17.59 -3.45 17.40
N ILE B 134 17.25 -4.48 16.64
CA ILE B 134 17.25 -5.88 17.06
C ILE B 134 18.64 -6.44 16.84
N ASP B 135 19.16 -7.15 17.84
CA ASP B 135 20.49 -7.74 17.74
C ASP B 135 20.56 -8.84 16.72
N THR B 136 21.71 -8.95 16.07
CA THR B 136 21.96 -10.02 15.12
C THR B 136 23.34 -10.63 15.41
N THR B 137 23.55 -11.85 14.95
CA THR B 137 24.85 -12.54 15.05
C THR B 137 25.48 -12.50 13.65
N ILE B 138 26.79 -12.23 13.57
CA ILE B 138 27.55 -12.28 12.32
C ILE B 138 28.51 -13.46 12.43
N MET B 139 28.53 -14.31 11.40
CA MET B 139 29.38 -15.53 11.35
C MET B 139 29.95 -15.67 9.94
N ALA B 140 31.15 -16.29 9.81
CA ALA B 140 31.72 -16.58 8.49
C ALA B 140 31.12 -17.91 8.07
N LYS B 141 30.59 -17.95 6.85
CA LYS B 141 29.97 -19.13 6.28
C LYS B 141 31.06 -20.09 5.78
N SER B 142 30.95 -21.38 6.10
CA SER B 142 31.92 -22.37 5.63
C SER B 142 31.41 -22.98 4.31
N GLU B 143 32.08 -22.65 3.19
CA GLU B 143 31.71 -23.19 1.88
C GLU B 143 32.95 -23.79 1.22
N VAL B 144 32.76 -24.85 0.42
CA VAL B 144 33.82 -25.59 -0.29
C VAL B 144 33.99 -25.10 -1.75
N PHE B 145 35.25 -24.82 -2.14
CA PHE B 145 35.59 -24.42 -3.51
C PHE B 145 36.86 -25.17 -3.97
N CYS B 146 37.17 -25.05 -5.25
CA CYS B 146 38.38 -25.56 -5.88
C CYS B 146 39.23 -24.32 -6.14
N VAL B 147 40.57 -24.44 -5.98
CA VAL B 147 41.51 -23.32 -6.21
C VAL B 147 41.43 -22.76 -7.62
N GLN B 148 41.68 -21.43 -7.78
CA GLN B 148 41.65 -20.63 -9.03
C GLN B 148 41.67 -21.41 -10.35
N ARG B 154 42.11 -17.34 -3.93
CA ARG B 154 41.19 -18.04 -3.02
C ARG B 154 40.02 -17.16 -2.63
N LYS B 155 38.81 -17.74 -2.59
CA LYS B 155 37.62 -16.98 -2.21
C LYS B 155 37.56 -16.78 -0.69
N PRO B 156 37.44 -15.52 -0.23
CA PRO B 156 37.27 -15.28 1.21
C PRO B 156 35.87 -15.77 1.66
N ALA B 157 35.70 -16.14 2.95
CA ALA B 157 34.42 -16.61 3.49
C ALA B 157 33.33 -15.56 3.30
N ARG B 158 32.08 -15.99 3.04
CA ARG B 158 30.93 -15.07 2.98
C ARG B 158 30.50 -14.84 4.44
N LEU B 159 29.86 -13.70 4.70
CA LEU B 159 29.41 -13.40 6.07
C LEU B 159 27.90 -13.54 6.15
N ILE B 160 27.44 -14.21 7.21
CA ILE B 160 26.03 -14.50 7.48
C ILE B 160 25.58 -13.64 8.67
N VAL B 161 24.43 -12.94 8.52
CA VAL B 161 23.89 -12.07 9.56
C VAL B 161 22.44 -12.53 9.82
N PHE B 162 22.15 -12.92 11.06
CA PHE B 162 20.84 -13.45 11.41
C PHE B 162 20.39 -13.08 12.81
N PRO B 163 19.07 -12.89 13.03
CA PRO B 163 18.59 -12.58 14.39
C PRO B 163 18.32 -13.89 15.15
N ASP B 164 17.93 -13.79 16.45
CA ASP B 164 17.67 -14.95 17.32
C ASP B 164 16.54 -15.77 16.78
N LEU B 165 16.56 -17.08 17.07
CA LEU B 165 15.48 -18.02 16.67
C LEU B 165 14.07 -17.50 16.97
N GLY B 166 13.83 -16.87 18.13
CA GLY B 166 12.51 -16.33 18.50
C GLY B 166 11.98 -15.32 17.49
N VAL B 167 12.88 -14.46 16.99
CA VAL B 167 12.60 -13.43 15.98
C VAL B 167 12.28 -14.12 14.63
N ARG B 168 13.10 -15.15 14.26
CA ARG B 168 12.88 -15.88 13.01
C ARG B 168 11.47 -16.49 12.92
N VAL B 169 10.94 -17.05 14.01
CA VAL B 169 9.58 -17.60 14.06
C VAL B 169 8.54 -16.45 13.86
N CYS B 170 8.78 -15.27 14.47
CA CYS B 170 7.88 -14.10 14.33
C CYS B 170 7.88 -13.58 12.91
N GLU B 171 9.06 -13.56 12.25
CA GLU B 171 9.17 -13.16 10.83
C GLU B 171 8.23 -14.05 10.02
N LYS B 172 8.20 -15.38 10.29
CA LYS B 172 7.33 -16.35 9.60
C LYS B 172 5.86 -15.99 9.79
N MET B 173 5.45 -15.73 11.05
CA MET B 173 4.04 -15.38 11.31
C MET B 173 3.57 -14.15 10.55
N ALA B 174 4.40 -13.10 10.51
CA ALA B 174 4.03 -11.85 9.85
C ALA B 174 4.17 -11.89 8.33
N LEU B 175 5.19 -12.60 7.82
CA LEU B 175 5.62 -12.49 6.44
C LEU B 175 5.74 -13.73 5.59
N TYR B 176 5.56 -14.94 6.16
CA TYR B 176 5.70 -16.13 5.32
C TYR B 176 4.76 -16.10 4.11
N ASP B 177 3.49 -15.79 4.33
CA ASP B 177 2.52 -15.73 3.23
C ASP B 177 2.83 -14.61 2.22
N VAL B 178 3.29 -13.44 2.71
CA VAL B 178 3.68 -12.30 1.87
C VAL B 178 4.84 -12.74 0.93
N VAL B 179 5.94 -13.23 1.50
CA VAL B 179 7.12 -13.62 0.70
C VAL B 179 6.87 -14.82 -0.21
N SER B 180 5.82 -15.60 0.08
CA SER B 180 5.52 -16.79 -0.72
C SER B 180 4.56 -16.46 -1.87
N THR B 181 3.76 -15.38 -1.77
CA THR B 181 2.74 -15.05 -2.80
C THR B 181 2.94 -13.71 -3.51
N LEU B 182 3.44 -12.71 -2.79
CA LEU B 182 3.63 -11.40 -3.42
C LEU B 182 4.60 -11.36 -4.63
N PRO B 183 5.80 -12.00 -4.62
CA PRO B 183 6.70 -11.86 -5.77
C PRO B 183 6.06 -12.22 -7.12
N GLN B 184 5.32 -13.33 -7.15
CA GLN B 184 4.62 -13.79 -8.35
C GLN B 184 3.53 -12.82 -8.77
N ALA B 185 2.78 -12.28 -7.79
CA ALA B 185 1.69 -11.34 -8.09
C ALA B 185 2.26 -10.05 -8.74
N VAL B 186 3.43 -9.64 -8.29
CA VAL B 186 4.08 -8.42 -8.75
C VAL B 186 4.82 -8.65 -10.06
N MET B 187 5.63 -9.70 -10.13
CA MET B 187 6.53 -9.95 -11.27
C MET B 187 6.04 -10.94 -12.34
N GLY B 188 4.95 -11.65 -12.06
CA GLY B 188 4.40 -12.59 -13.04
C GLY B 188 5.39 -13.64 -13.49
N SER B 189 5.45 -13.91 -14.80
CA SER B 189 6.33 -14.92 -15.41
C SER B 189 7.84 -14.63 -15.21
N SER B 190 8.18 -13.38 -14.88
CA SER B 190 9.59 -12.99 -14.62
C SER B 190 10.13 -13.54 -13.31
N TYR B 191 9.25 -13.97 -12.41
CA TYR B 191 9.68 -14.51 -11.10
C TYR B 191 10.21 -15.94 -11.27
N GLY B 192 11.52 -16.10 -11.16
CA GLY B 192 12.18 -17.38 -11.42
C GLY B 192 11.90 -18.54 -10.50
N PHE B 193 11.57 -18.26 -9.22
CA PHE B 193 11.37 -19.32 -8.25
C PHE B 193 10.10 -20.12 -8.40
N GLN B 194 9.22 -19.72 -9.31
CA GLN B 194 7.96 -20.46 -9.58
C GLN B 194 8.21 -21.66 -10.55
N TYR B 195 9.44 -21.76 -11.08
CA TYR B 195 9.78 -22.79 -12.05
C TYR B 195 10.62 -23.95 -11.53
N SER B 196 10.24 -25.17 -11.96
CA SER B 196 11.02 -26.38 -11.77
C SER B 196 12.15 -26.25 -12.82
N PRO B 197 13.23 -27.06 -12.82
CA PRO B 197 14.25 -26.91 -13.87
C PRO B 197 13.73 -27.03 -15.31
N LYS B 198 12.84 -28.00 -15.61
CA LYS B 198 12.31 -28.10 -17.00
C LYS B 198 11.46 -26.86 -17.38
N GLN B 199 10.75 -26.27 -16.40
CA GLN B 199 9.93 -25.08 -16.63
C GLN B 199 10.78 -23.83 -16.89
N ARG B 200 11.91 -23.72 -16.20
CA ARG B 200 12.85 -22.59 -16.34
C ARG B 200 13.46 -22.64 -17.74
N VAL B 201 13.92 -23.82 -18.19
CA VAL B 201 14.49 -23.95 -19.52
C VAL B 201 13.41 -23.65 -20.61
N GLU B 202 12.13 -24.07 -20.39
CA GLU B 202 10.99 -23.81 -21.28
C GLU B 202 10.77 -22.30 -21.40
N PHE B 203 10.70 -21.59 -20.25
CA PHE B 203 10.53 -20.14 -20.22
C PHE B 203 11.66 -19.46 -20.98
N LEU B 204 12.93 -19.88 -20.76
CA LEU B 204 14.10 -19.28 -21.42
C LEU B 204 14.04 -19.49 -22.93
N VAL B 205 13.81 -20.74 -23.34
CA VAL B 205 13.65 -21.13 -24.75
C VAL B 205 12.49 -20.36 -25.40
N ASN B 206 11.28 -20.38 -24.80
CA ASN B 206 10.11 -19.68 -25.35
C ASN B 206 10.27 -18.16 -25.39
N THR B 207 10.97 -17.57 -24.40
CA THR B 207 11.23 -16.13 -24.40
C THR B 207 12.18 -15.79 -25.55
N TRP B 208 13.22 -16.62 -25.76
CA TRP B 208 14.21 -16.46 -26.82
C TRP B 208 13.53 -16.49 -28.19
N LYS B 209 12.66 -17.50 -28.38
CA LYS B 209 11.90 -17.73 -29.61
C LYS B 209 10.86 -16.63 -29.89
N SER B 210 10.30 -15.99 -28.84
CA SER B 210 9.31 -14.92 -28.95
C SER B 210 9.83 -13.60 -29.58
N LYS B 211 11.17 -13.46 -29.73
CA LYS B 211 11.81 -12.25 -30.30
C LYS B 211 12.16 -12.44 -31.77
N LYS B 212 12.00 -11.36 -32.60
CA LYS B 212 12.36 -11.36 -34.04
C LYS B 212 13.86 -11.61 -34.15
N CYS B 213 14.66 -10.75 -33.53
CA CYS B 213 16.11 -10.92 -33.49
C CYS B 213 16.55 -10.86 -32.01
N PRO B 214 16.69 -12.01 -31.32
CA PRO B 214 17.00 -11.96 -29.88
C PRO B 214 18.44 -11.64 -29.49
N MET B 215 18.56 -10.93 -28.38
CA MET B 215 19.81 -10.61 -27.72
C MET B 215 19.51 -10.79 -26.22
N GLY B 216 20.46 -11.38 -25.52
CA GLY B 216 20.30 -11.59 -24.09
C GLY B 216 21.60 -11.42 -23.35
N PHE B 217 21.49 -11.12 -22.05
CA PHE B 217 22.63 -10.98 -21.16
C PHE B 217 22.25 -11.29 -19.73
N SER B 218 23.22 -11.72 -18.95
CA SER B 218 23.06 -11.89 -17.52
C SER B 218 23.69 -10.64 -16.90
N TYR B 219 23.16 -10.18 -15.78
CA TYR B 219 23.75 -9.01 -15.10
C TYR B 219 24.18 -9.41 -13.71
N ASP B 220 25.48 -9.30 -13.44
CA ASP B 220 26.01 -9.65 -12.12
C ASP B 220 26.25 -8.39 -11.33
N THR B 221 25.52 -8.24 -10.21
CA THR B 221 25.71 -7.10 -9.33
C THR B 221 26.85 -7.49 -8.36
N ARG B 222 27.79 -6.58 -8.10
CA ARG B 222 28.84 -6.92 -7.16
C ARG B 222 28.34 -6.78 -5.72
N CYS B 223 28.51 -7.84 -4.89
CA CYS B 223 28.14 -7.85 -3.46
C CYS B 223 26.71 -7.31 -3.27
N PHE B 224 25.73 -7.90 -3.94
CA PHE B 224 24.34 -7.39 -3.98
C PHE B 224 23.80 -6.93 -2.63
N ASP B 225 23.91 -7.75 -1.59
CA ASP B 225 23.40 -7.42 -0.24
C ASP B 225 23.93 -6.11 0.26
N SER B 226 25.21 -5.80 -0.02
CA SER B 226 25.80 -4.56 0.48
C SER B 226 25.43 -3.34 -0.34
N THR B 227 24.92 -3.55 -1.57
CA THR B 227 24.49 -2.45 -2.43
C THR B 227 23.07 -1.99 -2.03
N VAL B 228 22.32 -2.84 -1.31
CA VAL B 228 20.94 -2.57 -0.88
C VAL B 228 20.98 -1.45 0.18
N THR B 229 20.33 -0.31 -0.13
CA THR B 229 20.29 0.86 0.74
C THR B 229 19.12 0.84 1.72
N GLU B 230 19.14 1.76 2.71
CA GLU B 230 18.02 1.94 3.65
C GLU B 230 16.77 2.29 2.82
N SER B 231 16.93 3.19 1.81
CA SER B 231 15.82 3.56 0.91
C SER B 231 15.22 2.32 0.19
N ASP B 232 16.08 1.43 -0.36
CA ASP B 232 15.65 0.19 -1.03
C ASP B 232 14.80 -0.69 -0.07
N ILE B 233 15.22 -0.79 1.20
CA ILE B 233 14.51 -1.61 2.20
C ILE B 233 13.14 -1.02 2.56
N ARG B 234 13.07 0.30 2.65
CA ARG B 234 11.81 1.02 2.91
C ARG B 234 10.89 0.94 1.68
N VAL B 235 11.48 0.95 0.48
CA VAL B 235 10.71 0.80 -0.77
C VAL B 235 10.09 -0.62 -0.80
N GLU B 236 10.88 -1.61 -0.37
CA GLU B 236 10.42 -3.00 -0.31
C GLU B 236 9.24 -3.10 0.68
N GLU B 237 9.37 -2.46 1.84
CA GLU B 237 8.27 -2.44 2.81
C GLU B 237 7.03 -1.77 2.21
N SER B 238 7.23 -0.65 1.44
CA SER B 238 6.11 0.07 0.80
C SER B 238 5.30 -0.88 -0.11
N ILE B 239 5.98 -1.85 -0.73
CA ILE B 239 5.31 -2.87 -1.58
C ILE B 239 4.52 -3.88 -0.69
N TYR B 240 5.14 -4.39 0.40
CA TYR B 240 4.48 -5.31 1.36
C TYR B 240 3.25 -4.65 1.97
N GLN B 241 3.35 -3.34 2.25
CA GLN B 241 2.23 -2.60 2.88
C GLN B 241 0.99 -2.46 1.97
N CYS B 242 1.12 -2.75 0.66
CA CYS B 242 0.00 -2.73 -0.30
C CYS B 242 -0.89 -3.97 -0.11
N CYS B 243 -0.41 -5.02 0.57
CA CYS B 243 -1.21 -6.22 0.84
C CYS B 243 -2.32 -5.90 1.81
N ASP B 244 -3.40 -6.69 1.77
CA ASP B 244 -4.40 -6.63 2.81
C ASP B 244 -3.75 -7.48 3.94
N LEU B 245 -3.60 -6.88 5.13
CA LEU B 245 -2.90 -7.51 6.27
C LEU B 245 -3.70 -7.36 7.53
N ALA B 246 -3.54 -8.33 8.45
CA ALA B 246 -4.12 -8.21 9.79
C ALA B 246 -3.37 -7.05 10.48
N PRO B 247 -4.05 -6.24 11.30
CA PRO B 247 -3.36 -5.10 11.95
C PRO B 247 -2.04 -5.42 12.65
N GLU B 248 -1.95 -6.54 13.38
CA GLU B 248 -0.71 -6.94 14.08
C GLU B 248 0.38 -7.32 13.11
N ALA B 249 0.00 -7.93 11.96
CA ALA B 249 0.94 -8.27 10.86
C ALA B 249 1.50 -6.96 10.28
N ARG B 250 0.63 -5.93 10.08
CA ARG B 250 1.05 -4.63 9.56
C ARG B 250 2.07 -3.97 10.52
N GLN B 251 1.80 -3.99 11.84
CA GLN B 251 2.74 -3.41 12.80
C GLN B 251 4.04 -4.25 12.86
N ALA B 252 3.91 -5.58 12.82
CA ALA B 252 5.11 -6.46 12.86
C ALA B 252 6.01 -6.19 11.66
N ILE B 253 5.43 -5.94 10.49
CA ILE B 253 6.21 -5.62 9.27
C ILE B 253 6.89 -4.26 9.43
N ARG B 254 6.15 -3.26 9.96
CA ARG B 254 6.69 -1.92 10.18
C ARG B 254 7.88 -1.97 11.18
N SER B 255 7.67 -2.65 12.32
CA SER B 255 8.67 -2.78 13.38
C SER B 255 9.89 -3.59 12.89
N LEU B 256 9.65 -4.72 12.22
CA LEU B 256 10.74 -5.53 11.65
C LEU B 256 11.56 -4.73 10.64
N THR B 257 10.92 -3.92 9.78
CA THR B 257 11.66 -3.08 8.81
C THR B 257 12.60 -2.10 9.53
N GLU B 258 12.06 -1.34 10.49
CA GLU B 258 12.84 -0.34 11.21
C GLU B 258 13.88 -0.89 12.13
N ARG B 259 13.58 -2.01 12.78
CA ARG B 259 14.48 -2.54 13.82
C ARG B 259 15.45 -3.61 13.32
N LEU B 260 15.09 -4.29 12.21
CA LEU B 260 15.89 -5.42 11.72
C LEU B 260 16.33 -5.27 10.27
N TYR B 261 15.36 -5.13 9.36
CA TYR B 261 15.69 -5.13 7.92
C TYR B 261 16.60 -4.00 7.44
N ILE B 262 16.36 -2.76 7.89
CA ILE B 262 17.18 -1.62 7.48
C ILE B 262 18.62 -1.68 8.00
N GLY B 263 18.82 -2.36 9.12
CA GLY B 263 20.13 -2.46 9.73
C GLY B 263 20.09 -2.72 11.22
N GLY B 264 21.26 -2.74 11.83
CA GLY B 264 21.36 -2.98 13.26
C GLY B 264 22.75 -3.42 13.71
N PRO B 265 22.92 -3.61 15.04
CA PRO B 265 24.24 -4.01 15.56
C PRO B 265 24.61 -5.44 15.23
N LEU B 266 25.91 -5.69 15.09
CA LEU B 266 26.45 -7.02 14.76
C LEU B 266 27.21 -7.54 15.95
N THR B 267 26.86 -8.73 16.39
CA THR B 267 27.48 -9.35 17.55
C THR B 267 28.20 -10.61 17.08
N ASN B 268 29.45 -10.83 17.52
CA ASN B 268 30.11 -12.09 17.12
C ASN B 268 29.68 -13.25 18.03
N SER B 269 30.20 -14.47 17.79
CA SER B 269 29.89 -15.67 18.59
C SER B 269 30.35 -15.55 20.06
N LYS B 270 31.29 -14.62 20.35
CA LYS B 270 31.82 -14.35 21.70
C LYS B 270 31.00 -13.30 22.46
N GLY B 271 29.97 -12.74 21.80
CA GLY B 271 29.10 -11.74 22.42
C GLY B 271 29.67 -10.34 22.34
N GLN B 272 30.69 -10.17 21.51
CA GLN B 272 31.34 -8.88 21.34
C GLN B 272 30.66 -8.11 20.21
N ASN B 273 30.60 -6.77 20.33
CA ASN B 273 30.04 -5.91 19.32
C ASN B 273 31.07 -5.74 18.17
N CYS B 274 30.75 -6.25 16.94
CA CYS B 274 31.63 -6.15 15.75
C CYS B 274 31.41 -4.90 14.98
N GLY B 275 30.22 -4.34 15.10
CA GLY B 275 29.90 -3.12 14.36
C GLY B 275 28.43 -2.95 14.08
N TYR B 276 28.15 -2.24 13.00
CA TYR B 276 26.79 -1.90 12.59
C TYR B 276 26.58 -2.11 11.09
N ARG B 277 25.42 -2.71 10.74
CA ARG B 277 25.00 -2.99 9.35
C ARG B 277 23.96 -1.95 8.89
N ARG B 278 24.09 -1.42 7.67
CA ARG B 278 23.12 -0.49 7.04
C ARG B 278 22.75 -0.98 5.62
N CYS B 279 22.76 -2.30 5.46
CA CYS B 279 22.44 -2.97 4.20
C CYS B 279 21.65 -4.25 4.48
N ARG B 280 21.38 -5.04 3.43
CA ARG B 280 20.64 -6.29 3.55
C ARG B 280 21.32 -7.32 4.45
N ALA B 281 20.57 -7.91 5.42
CA ALA B 281 21.02 -9.03 6.23
C ALA B 281 20.81 -10.28 5.38
N SER B 282 21.83 -11.16 5.28
CA SER B 282 21.72 -12.36 4.45
C SER B 282 20.82 -13.43 5.08
N GLY B 283 20.62 -13.37 6.38
CA GLY B 283 19.88 -14.40 7.11
C GLY B 283 18.55 -13.99 7.70
N VAL B 284 17.70 -13.35 6.86
CA VAL B 284 16.34 -13.01 7.30
C VAL B 284 15.32 -13.61 6.31
N LEU B 285 14.07 -13.75 6.73
CA LEU B 285 13.04 -14.29 5.87
C LEU B 285 12.85 -13.51 4.56
N THR B 286 12.97 -12.17 4.60
CA THR B 286 12.73 -11.31 3.44
C THR B 286 13.91 -11.16 2.48
N THR B 287 15.05 -11.83 2.76
CA THR B 287 16.23 -11.67 1.88
C THR B 287 15.94 -12.06 0.43
N SER B 288 15.39 -13.25 0.20
CA SER B 288 15.18 -13.67 -1.19
C SER B 288 14.16 -12.77 -1.89
N CYS B 289 12.98 -12.55 -1.25
CA CYS B 289 11.88 -11.75 -1.80
C CYS B 289 12.30 -10.31 -2.02
N GLY B 290 12.96 -9.72 -1.00
CA GLY B 290 13.43 -8.36 -1.09
C GLY B 290 14.47 -8.18 -2.17
N ASN B 291 15.45 -9.11 -2.27
CA ASN B 291 16.48 -9.04 -3.33
C ASN B 291 15.87 -9.16 -4.70
N THR B 292 14.93 -10.12 -4.89
CA THR B 292 14.27 -10.31 -6.18
C THR B 292 13.50 -9.03 -6.58
N LEU B 293 12.70 -8.46 -5.67
CA LEU B 293 11.89 -7.26 -5.99
C LEU B 293 12.81 -6.08 -6.30
N THR B 294 13.89 -5.92 -5.53
CA THR B 294 14.84 -4.80 -5.70
C THR B 294 15.56 -4.93 -7.05
N CYS B 295 16.05 -6.12 -7.36
CA CYS B 295 16.71 -6.43 -8.62
C CYS B 295 15.77 -6.19 -9.81
N TYR B 296 14.53 -6.71 -9.74
CA TYR B 296 13.53 -6.52 -10.79
C TYR B 296 13.20 -5.04 -11.01
N LEU B 297 12.99 -4.29 -9.92
CA LEU B 297 12.68 -2.87 -9.96
C LEU B 297 13.82 -2.09 -10.63
N LYS B 298 15.05 -2.28 -10.15
CA LYS B 298 16.22 -1.57 -10.68
C LYS B 298 16.47 -1.94 -12.14
N ALA B 299 16.42 -3.23 -12.49
CA ALA B 299 16.63 -3.67 -13.88
C ALA B 299 15.55 -3.21 -14.86
N THR B 300 14.27 -3.19 -14.44
CA THR B 300 13.16 -2.76 -15.31
C THR B 300 13.29 -1.29 -15.64
N ALA B 301 13.62 -0.49 -14.63
CA ALA B 301 13.80 0.96 -14.75
C ALA B 301 15.04 1.25 -15.62
N ALA B 302 16.14 0.50 -15.40
CA ALA B 302 17.40 0.66 -16.15
C ALA B 302 17.21 0.34 -17.65
N CYS B 303 16.38 -0.67 -17.98
N CYS B 303 16.38 -0.67 -18.00
N CYS B 303 16.38 -0.67 -18.00
CA CYS B 303 16.04 -1.09 -19.34
CA CYS B 303 16.07 -1.04 -19.38
CA CYS B 303 16.09 -1.04 -19.39
C CYS B 303 15.40 0.08 -20.12
C CYS B 303 15.43 0.13 -20.12
C CYS B 303 15.43 0.13 -20.12
N ARG B 304 14.51 0.84 -19.44
CA ARG B 304 13.79 2.00 -19.97
C ARG B 304 14.78 3.17 -20.15
N ALA B 305 15.66 3.40 -19.14
CA ALA B 305 16.69 4.45 -19.22
C ALA B 305 17.70 4.18 -20.34
N ALA B 306 18.03 2.90 -20.57
CA ALA B 306 18.99 2.40 -21.56
C ALA B 306 18.44 2.32 -22.97
N LYS B 307 17.11 2.40 -23.09
CA LYS B 307 16.33 2.27 -24.32
C LYS B 307 16.45 0.87 -24.94
N LEU B 308 16.57 -0.18 -24.08
CA LEU B 308 16.61 -1.57 -24.54
C LEU B 308 15.19 -1.91 -24.94
N GLN B 309 15.03 -2.63 -26.05
CA GLN B 309 13.71 -2.93 -26.61
C GLN B 309 13.13 -4.29 -26.20
N ASP B 310 11.84 -4.30 -25.81
CA ASP B 310 11.05 -5.49 -25.47
C ASP B 310 11.80 -6.43 -24.50
N CYS B 311 12.16 -5.89 -23.33
CA CYS B 311 12.89 -6.56 -22.27
C CYS B 311 12.03 -7.52 -21.47
N THR B 312 12.41 -8.79 -21.45
CA THR B 312 11.78 -9.80 -20.61
C THR B 312 12.84 -10.24 -19.59
N MET B 313 12.54 -10.04 -18.30
CA MET B 313 13.44 -10.41 -17.20
C MET B 313 13.15 -11.82 -16.71
N LEU B 314 14.18 -12.46 -16.13
CA LEU B 314 14.07 -13.70 -15.36
C LEU B 314 14.94 -13.42 -14.14
N VAL B 315 14.29 -13.17 -13.00
CA VAL B 315 14.94 -12.76 -11.75
C VAL B 315 14.73 -13.80 -10.64
N ASN B 316 15.83 -14.13 -9.93
CA ASN B 316 15.90 -15.08 -8.83
C ASN B 316 16.88 -14.48 -7.83
N GLY B 317 16.38 -13.77 -6.81
CA GLY B 317 17.25 -13.12 -5.83
C GLY B 317 18.06 -12.03 -6.49
N ASP B 318 19.41 -12.12 -6.39
CA ASP B 318 20.30 -11.16 -7.06
C ASP B 318 20.63 -11.59 -8.53
N ASP B 319 20.14 -12.77 -8.95
CA ASP B 319 20.44 -13.29 -10.29
C ASP B 319 19.47 -12.77 -11.34
N LEU B 320 20.02 -12.19 -12.41
CA LEU B 320 19.23 -11.54 -13.42
C LEU B 320 19.65 -11.87 -14.83
N VAL B 321 18.68 -12.31 -15.62
CA VAL B 321 18.85 -12.53 -17.04
C VAL B 321 17.81 -11.71 -17.80
N VAL B 322 18.28 -11.02 -18.86
CA VAL B 322 17.45 -10.14 -19.67
C VAL B 322 17.52 -10.64 -21.11
N ILE B 323 16.35 -10.91 -21.71
CA ILE B 323 16.22 -11.29 -23.12
C ILE B 323 15.39 -10.18 -23.78
N CYS B 324 15.98 -9.53 -24.80
CA CYS B 324 15.36 -8.41 -25.48
C CYS B 324 15.46 -8.52 -27.02
N GLU B 325 14.87 -7.53 -27.70
CA GLU B 325 14.87 -7.39 -29.15
C GLU B 325 16.15 -6.60 -29.55
N SER B 326 17.02 -7.22 -30.37
CA SER B 326 18.28 -6.61 -30.83
C SER B 326 18.05 -5.39 -31.71
N ALA B 327 18.91 -4.38 -31.58
CA ALA B 327 18.88 -3.18 -32.41
C ALA B 327 20.12 -3.14 -33.31
N GLY B 328 20.85 -4.25 -33.34
CA GLY B 328 22.11 -4.41 -34.05
C GLY B 328 23.26 -4.42 -33.07
N THR B 329 24.37 -5.06 -33.46
CA THR B 329 25.60 -5.23 -32.65
C THR B 329 26.10 -3.96 -31.94
N GLN B 330 26.33 -2.87 -32.70
CA GLN B 330 26.86 -1.62 -32.14
C GLN B 330 25.87 -0.92 -31.21
N GLU B 331 24.59 -0.91 -31.61
CA GLU B 331 23.49 -0.31 -30.86
C GLU B 331 23.24 -1.08 -29.55
N ASP B 332 23.39 -2.44 -29.56
CA ASP B 332 23.20 -3.28 -28.38
C ASP B 332 24.32 -3.10 -27.35
N ALA B 333 25.59 -3.01 -27.80
CA ALA B 333 26.71 -2.80 -26.91
C ALA B 333 26.60 -1.44 -26.18
N ALA B 334 26.11 -0.41 -26.90
CA ALA B 334 25.89 0.94 -26.37
C ALA B 334 24.75 0.96 -25.35
N ALA B 335 23.65 0.24 -25.66
CA ALA B 335 22.47 0.13 -24.79
C ALA B 335 22.82 -0.60 -23.48
N LEU B 336 23.66 -1.66 -23.57
CA LEU B 336 24.15 -2.41 -22.43
C LEU B 336 25.06 -1.55 -21.55
N ARG B 337 25.90 -0.67 -22.18
CA ARG B 337 26.74 0.29 -21.46
C ARG B 337 25.84 1.23 -20.64
N ALA B 338 24.76 1.78 -21.27
CA ALA B 338 23.80 2.66 -20.61
C ALA B 338 23.02 1.95 -19.51
N PHE B 339 22.62 0.66 -19.73
CA PHE B 339 21.93 -0.16 -18.72
C PHE B 339 22.79 -0.24 -17.46
N THR B 340 24.10 -0.58 -17.65
CA THR B 340 25.09 -0.71 -16.57
C THR B 340 25.26 0.62 -15.80
N GLU B 341 25.28 1.77 -16.50
CA GLU B 341 25.40 3.09 -15.85
C GLU B 341 24.13 3.37 -15.00
N ALA B 342 22.93 3.07 -15.54
CA ALA B 342 21.66 3.25 -14.83
C ALA B 342 21.59 2.40 -13.56
N MET B 343 21.98 1.12 -13.65
CA MET B 343 22.04 0.20 -12.51
C MET B 343 23.00 0.73 -11.47
N THR B 344 24.15 1.28 -11.93
CA THR B 344 25.15 1.85 -11.03
C THR B 344 24.54 3.01 -10.24
N ARG B 345 23.87 3.94 -10.93
CA ARG B 345 23.19 5.09 -10.32
C ARG B 345 22.15 4.64 -9.29
N TYR B 346 21.44 3.50 -9.57
CA TYR B 346 20.43 2.92 -8.65
C TYR B 346 21.05 2.13 -7.50
N SER B 347 22.39 2.11 -7.38
CA SER B 347 23.13 1.35 -6.35
C SER B 347 23.05 -0.17 -6.59
N ALA B 348 23.35 -0.57 -7.83
CA ALA B 348 23.48 -1.99 -8.20
C ALA B 348 24.66 -2.03 -9.19
N PRO B 349 25.89 -1.62 -8.73
CA PRO B 349 27.04 -1.61 -9.65
C PRO B 349 27.41 -3.03 -10.09
N PRO B 350 28.09 -3.20 -11.25
CA PRO B 350 28.36 -4.57 -11.72
C PRO B 350 29.58 -5.26 -11.14
N GLY B 351 29.54 -6.59 -11.16
CA GLY B 351 30.67 -7.46 -10.86
C GLY B 351 31.39 -7.61 -12.17
N ASP B 352 31.25 -8.77 -12.83
CA ASP B 352 31.79 -8.98 -14.17
C ASP B 352 31.00 -8.07 -15.14
N PRO B 353 31.63 -7.47 -16.19
CA PRO B 353 30.84 -6.61 -17.10
C PRO B 353 29.83 -7.43 -17.92
N PRO B 354 28.58 -6.95 -18.15
CA PRO B 354 27.63 -7.75 -18.94
C PRO B 354 28.03 -7.77 -20.41
N GLN B 355 27.78 -8.90 -21.08
CA GLN B 355 28.13 -9.10 -22.48
C GLN B 355 26.88 -9.41 -23.32
N PRO B 356 26.61 -8.67 -24.43
CA PRO B 356 25.45 -9.02 -25.27
C PRO B 356 25.70 -10.38 -25.92
N GLU B 357 24.69 -11.25 -25.90
CA GLU B 357 24.83 -12.60 -26.45
C GLU B 357 23.74 -12.86 -27.46
N TYR B 358 24.06 -13.55 -28.56
CA TYR B 358 23.12 -13.84 -29.64
C TYR B 358 22.85 -15.34 -29.79
N ASP B 359 23.35 -16.12 -28.83
CA ASP B 359 23.16 -17.57 -28.70
C ASP B 359 22.75 -17.80 -27.23
N LEU B 360 21.51 -18.33 -27.02
CA LEU B 360 20.92 -18.61 -25.71
C LEU B 360 21.83 -19.48 -24.84
N GLU B 361 22.56 -20.41 -25.49
CA GLU B 361 23.49 -21.34 -24.86
C GLU B 361 24.72 -20.66 -24.26
N LEU B 362 25.03 -19.42 -24.67
CA LEU B 362 26.17 -18.64 -24.19
C LEU B 362 25.85 -17.78 -22.97
N ILE B 363 24.60 -17.80 -22.51
CA ILE B 363 24.24 -17.01 -21.32
C ILE B 363 24.40 -17.88 -20.08
N THR B 364 25.09 -17.35 -19.08
CA THR B 364 25.22 -18.03 -17.79
C THR B 364 24.31 -17.30 -16.76
N SER B 365 23.28 -18.01 -16.23
CA SER B 365 22.36 -17.47 -15.21
C SER B 365 22.11 -18.55 -14.16
N CYS B 366 22.15 -18.17 -12.87
CA CYS B 366 22.11 -19.06 -11.70
C CYS B 366 23.23 -20.12 -11.88
N SER B 367 24.43 -19.64 -12.33
CA SER B 367 25.67 -20.41 -12.60
C SER B 367 25.43 -21.51 -13.66
N SER B 368 24.29 -21.45 -14.37
CA SER B 368 23.89 -22.45 -15.34
C SER B 368 23.73 -21.90 -16.74
N ASN B 369 23.82 -22.78 -17.73
CA ASN B 369 23.63 -22.45 -19.15
C ASN B 369 22.78 -23.55 -19.80
N VAL B 370 21.97 -23.18 -20.79
CA VAL B 370 21.14 -24.11 -21.55
C VAL B 370 22.07 -24.90 -22.48
N SER B 371 21.90 -26.23 -22.50
CA SER B 371 22.63 -27.08 -23.42
C SER B 371 21.65 -28.02 -24.11
N VAL B 372 22.12 -28.75 -25.13
CA VAL B 372 21.29 -29.63 -25.96
C VAL B 372 21.80 -31.04 -25.91
N ALA B 373 20.90 -32.01 -25.79
CA ALA B 373 21.20 -33.43 -25.86
C ALA B 373 20.07 -34.06 -26.67
N HIS B 374 20.13 -35.38 -26.91
CA HIS B 374 19.13 -36.10 -27.66
C HIS B 374 18.58 -37.22 -26.81
N ASP B 375 17.24 -37.39 -26.76
CA ASP B 375 16.68 -38.49 -25.97
C ASP B 375 16.75 -39.81 -26.74
N ALA B 376 16.15 -40.90 -26.23
CA ALA B 376 16.16 -42.24 -26.86
C ALA B 376 15.70 -42.27 -28.33
N SER B 377 14.75 -41.39 -28.69
CA SER B 377 14.17 -41.31 -30.04
C SER B 377 14.93 -40.38 -31.01
N GLY B 378 15.91 -39.65 -30.50
CA GLY B 378 16.71 -38.72 -31.30
C GLY B 378 16.22 -37.29 -31.18
N LYS B 379 15.09 -37.10 -30.47
CA LYS B 379 14.47 -35.79 -30.20
C LYS B 379 15.43 -34.86 -29.41
N ARG B 380 15.56 -33.60 -29.85
CA ARG B 380 16.38 -32.57 -29.19
C ARG B 380 15.72 -32.21 -27.85
N VAL B 381 16.52 -32.26 -26.78
CA VAL B 381 16.06 -31.92 -25.43
C VAL B 381 16.97 -30.82 -24.89
N TYR B 382 16.38 -29.71 -24.44
CA TYR B 382 17.12 -28.61 -23.82
C TYR B 382 17.11 -28.85 -22.32
N TYR B 383 18.24 -28.54 -21.67
CA TYR B 383 18.36 -28.76 -20.23
C TYR B 383 19.38 -27.81 -19.66
N LEU B 384 19.36 -27.63 -18.33
CA LEU B 384 20.35 -26.75 -17.71
C LEU B 384 21.51 -27.52 -17.14
N THR B 385 22.71 -27.02 -17.40
CA THR B 385 23.92 -27.63 -16.92
C THR B 385 24.79 -26.53 -16.34
N ARG B 386 25.91 -26.92 -15.80
CA ARG B 386 26.88 -25.97 -15.26
C ARG B 386 28.25 -26.59 -15.27
N ASP B 387 29.28 -25.75 -15.07
CA ASP B 387 30.65 -26.23 -14.95
C ASP B 387 30.62 -27.11 -13.67
N PRO B 388 31.01 -28.40 -13.75
CA PRO B 388 30.93 -29.27 -12.55
C PRO B 388 32.05 -29.13 -11.51
N THR B 389 32.97 -28.13 -11.61
CA THR B 389 34.08 -27.99 -10.62
C THR B 389 33.58 -27.91 -9.16
N THR B 390 32.78 -26.88 -8.82
CA THR B 390 32.23 -26.69 -7.46
C THR B 390 31.39 -27.91 -7.01
N PRO B 391 30.42 -28.41 -7.82
CA PRO B 391 29.67 -29.63 -7.40
C PRO B 391 30.54 -30.84 -7.07
N LEU B 392 31.60 -31.09 -7.88
CA LEU B 392 32.51 -32.22 -7.63
C LEU B 392 33.38 -31.98 -6.41
N ALA B 393 33.93 -30.76 -6.25
CA ALA B 393 34.75 -30.38 -5.07
C ALA B 393 33.94 -30.56 -3.78
N ARG B 394 32.64 -30.17 -3.80
CA ARG B 394 31.76 -30.32 -2.63
C ARG B 394 31.39 -31.76 -2.32
N ALA B 395 31.23 -32.58 -3.37
CA ALA B 395 30.91 -34.01 -3.28
C ALA B 395 32.07 -34.76 -2.64
N ALA B 396 33.33 -34.34 -2.95
CA ALA B 396 34.54 -34.92 -2.36
C ALA B 396 34.57 -34.58 -0.87
N TRP B 397 34.26 -33.31 -0.51
CA TRP B 397 34.23 -32.90 0.90
C TRP B 397 33.19 -33.71 1.67
N GLU B 398 31.98 -33.82 1.12
CA GLU B 398 30.85 -34.55 1.70
C GLU B 398 31.10 -36.04 1.85
N THR B 399 31.97 -36.61 0.99
CA THR B 399 32.33 -38.03 1.07
C THR B 399 33.24 -38.26 2.31
N ALA B 400 34.25 -37.39 2.48
CA ALA B 400 35.24 -37.48 3.56
C ALA B 400 34.78 -36.90 4.91
N ARG B 401 33.96 -35.84 4.91
CA ARG B 401 33.48 -35.19 6.13
C ARG B 401 31.96 -35.06 6.17
N HIS B 402 31.38 -35.23 7.37
CA HIS B 402 29.94 -35.09 7.58
C HIS B 402 29.54 -33.61 7.58
N THR B 403 28.57 -33.26 6.73
CA THR B 403 28.04 -31.90 6.61
C THR B 403 26.54 -31.94 6.91
N PRO B 404 25.92 -30.86 7.47
CA PRO B 404 24.47 -30.91 7.72
C PRO B 404 23.64 -30.91 6.44
N ILE B 405 24.14 -30.23 5.39
CA ILE B 405 23.43 -30.19 4.11
C ILE B 405 24.19 -30.95 3.04
N ASN B 406 23.48 -31.79 2.30
CA ASN B 406 24.07 -32.58 1.21
C ASN B 406 23.93 -31.87 -0.10
N SER B 407 25.00 -31.17 -0.56
CA SER B 407 24.96 -30.50 -1.87
C SER B 407 24.86 -31.51 -2.99
N TRP B 408 25.48 -32.72 -2.80
CA TRP B 408 25.43 -33.80 -3.81
C TRP B 408 24.00 -34.20 -4.15
N LEU B 409 23.12 -34.33 -3.16
CA LEU B 409 21.73 -34.74 -3.37
C LEU B 409 20.90 -33.64 -4.06
N GLY B 410 21.12 -32.38 -3.68
CA GLY B 410 20.48 -31.24 -4.32
C GLY B 410 20.94 -31.14 -5.77
N ASN B 411 22.26 -31.39 -6.03
CA ASN B 411 22.80 -31.36 -7.39
C ASN B 411 22.23 -32.46 -8.28
N ILE B 412 21.99 -33.66 -7.73
CA ILE B 412 21.37 -34.76 -8.50
C ILE B 412 19.94 -34.35 -8.83
N ILE B 413 19.19 -33.79 -7.85
CA ILE B 413 17.81 -33.38 -8.08
C ILE B 413 17.72 -32.31 -9.17
N MET B 414 18.46 -31.21 -9.00
CA MET B 414 18.40 -30.04 -9.87
C MET B 414 19.10 -30.24 -11.21
N TYR B 415 20.16 -31.06 -11.22
CA TYR B 415 20.97 -31.28 -12.42
C TYR B 415 20.93 -32.72 -12.92
N ALA B 416 19.86 -33.46 -12.58
CA ALA B 416 19.65 -34.84 -13.01
C ALA B 416 19.92 -35.16 -14.49
N PRO B 417 19.57 -34.31 -15.50
CA PRO B 417 19.82 -34.70 -16.90
C PRO B 417 21.26 -34.51 -17.36
N THR B 418 22.12 -33.89 -16.53
CA THR B 418 23.50 -33.62 -16.92
C THR B 418 24.33 -34.89 -17.00
N LEU B 419 25.37 -34.86 -17.84
CA LEU B 419 26.33 -35.95 -18.04
C LEU B 419 27.06 -36.22 -16.71
N TRP B 420 27.54 -35.15 -16.03
CA TRP B 420 28.29 -35.26 -14.77
C TRP B 420 27.47 -35.75 -13.57
N ALA B 421 26.19 -35.33 -13.43
CA ALA B 421 25.39 -35.78 -12.28
C ALA B 421 24.96 -37.23 -12.46
N ARG B 422 24.70 -37.65 -13.69
CA ARG B 422 24.28 -39.02 -13.99
C ARG B 422 25.45 -39.99 -13.89
N MET B 423 26.59 -39.68 -14.51
CA MET B 423 27.75 -40.60 -14.56
C MET B 423 28.63 -40.59 -13.33
N ILE B 424 28.85 -39.41 -12.74
CA ILE B 424 29.69 -39.27 -11.54
C ILE B 424 28.92 -39.25 -10.23
N LEU B 425 28.04 -38.24 -10.02
CA LEU B 425 27.31 -38.11 -8.74
C LEU B 425 26.41 -39.27 -8.39
N MET B 426 25.60 -39.74 -9.35
CA MET B 426 24.66 -40.85 -9.10
C MET B 426 25.43 -42.14 -8.83
N THR B 427 26.49 -42.40 -9.64
CA THR B 427 27.33 -43.60 -9.50
C THR B 427 28.01 -43.63 -8.13
N HIS B 428 28.79 -42.58 -7.81
CA HIS B 428 29.55 -42.41 -6.58
C HIS B 428 28.69 -42.52 -5.35
N PHE B 429 27.60 -41.73 -5.27
CA PHE B 429 26.73 -41.74 -4.11
C PHE B 429 25.89 -42.98 -3.91
N PHE B 430 25.41 -43.58 -4.99
CA PHE B 430 24.63 -44.82 -4.90
C PHE B 430 25.51 -46.02 -4.46
N SER B 431 26.83 -46.02 -4.80
CA SER B 431 27.79 -47.06 -4.38
C SER B 431 27.95 -46.98 -2.87
N ILE B 432 28.25 -45.76 -2.35
CA ILE B 432 28.45 -45.47 -0.93
C ILE B 432 27.19 -45.87 -0.14
N LEU B 433 26.00 -45.41 -0.59
CA LEU B 433 24.73 -45.68 0.08
C LEU B 433 24.41 -47.17 0.18
N LEU B 434 24.53 -47.93 -0.94
CA LEU B 434 24.34 -49.39 -1.03
C LEU B 434 25.21 -50.13 0.00
N ALA B 435 26.55 -49.84 0.00
CA ALA B 435 27.56 -50.42 0.89
C ALA B 435 27.27 -50.15 2.37
N GLN B 436 26.75 -48.95 2.68
CA GLN B 436 26.41 -48.52 4.05
C GLN B 436 24.96 -48.90 4.42
N GLU B 437 24.20 -49.52 3.47
CA GLU B 437 22.78 -49.91 3.65
C GLU B 437 21.92 -48.71 4.10
N GLN B 438 22.13 -47.54 3.43
CA GLN B 438 21.47 -46.27 3.75
C GLN B 438 20.69 -45.64 2.58
N LEU B 439 20.24 -46.45 1.59
CA LEU B 439 19.46 -45.94 0.45
C LEU B 439 18.12 -45.36 0.88
N GLY B 440 17.53 -45.94 1.93
CA GLY B 440 16.21 -45.50 2.42
C GLY B 440 16.23 -44.47 3.51
N LYS B 441 17.42 -43.98 3.89
CA LYS B 441 17.61 -42.97 4.93
C LYS B 441 17.42 -41.54 4.38
N ALA B 442 16.44 -40.80 4.95
CA ALA B 442 16.09 -39.41 4.59
C ALA B 442 17.28 -38.49 4.84
N LEU B 443 17.72 -37.77 3.79
CA LEU B 443 18.85 -36.87 3.91
C LEU B 443 18.44 -35.43 3.62
N ASP B 444 19.15 -34.48 4.24
CA ASP B 444 18.88 -33.06 4.09
C ASP B 444 19.50 -32.45 2.85
N CYS B 445 18.69 -31.70 2.11
CA CYS B 445 19.11 -31.00 0.93
C CYS B 445 18.32 -29.69 0.80
N GLN B 446 18.78 -28.79 -0.07
CA GLN B 446 18.11 -27.50 -0.23
C GLN B 446 17.63 -27.31 -1.66
N ILE B 447 16.38 -26.83 -1.81
CA ILE B 447 15.79 -26.51 -3.11
C ILE B 447 15.30 -25.06 -3.00
N TYR B 448 15.88 -24.16 -3.80
CA TYR B 448 15.53 -22.74 -3.79
C TYR B 448 15.61 -22.16 -2.34
N GLY B 449 16.67 -22.51 -1.61
CA GLY B 449 16.91 -22.04 -0.26
C GLY B 449 16.15 -22.72 0.87
N ALA B 450 15.08 -23.48 0.56
CA ALA B 450 14.31 -24.19 1.58
C ALA B 450 14.90 -25.57 1.81
N CYS B 451 14.84 -26.06 3.06
N CYS B 451 14.85 -26.06 3.06
CA CYS B 451 15.36 -27.36 3.46
CA CYS B 451 15.38 -27.36 3.47
C CYS B 451 14.32 -28.45 3.26
C CYS B 451 14.33 -28.46 3.29
N TYR B 452 14.75 -29.60 2.68
CA TYR B 452 13.90 -30.78 2.44
C TYR B 452 14.61 -32.02 2.99
N SER B 453 13.85 -33.02 3.41
CA SER B 453 14.39 -34.28 3.91
C SER B 453 13.98 -35.31 2.85
N ILE B 454 14.94 -35.74 2.00
CA ILE B 454 14.64 -36.61 0.88
C ILE B 454 15.41 -37.95 0.93
N GLU B 455 14.68 -39.02 0.71
CA GLU B 455 15.23 -40.37 0.67
C GLU B 455 15.80 -40.62 -0.74
N PRO B 456 17.07 -41.08 -0.87
CA PRO B 456 17.62 -41.35 -2.22
C PRO B 456 16.76 -42.30 -3.05
N LEU B 457 15.99 -43.21 -2.41
CA LEU B 457 15.11 -44.15 -3.12
C LEU B 457 13.95 -43.51 -3.88
N ASP B 458 13.58 -42.26 -3.51
CA ASP B 458 12.51 -41.53 -4.18
C ASP B 458 12.99 -40.67 -5.36
N LEU B 459 14.31 -40.67 -5.63
CA LEU B 459 14.90 -39.90 -6.72
C LEU B 459 14.30 -40.11 -8.11
N PRO B 460 13.99 -41.37 -8.56
CA PRO B 460 13.42 -41.51 -9.92
C PRO B 460 12.13 -40.72 -10.15
N GLN B 461 11.16 -40.76 -9.20
CA GLN B 461 9.88 -40.04 -9.33
C GLN B 461 10.07 -38.52 -9.29
N ILE B 462 11.02 -38.06 -8.45
CA ILE B 462 11.33 -36.63 -8.30
C ILE B 462 11.91 -36.12 -9.62
N ILE B 463 12.92 -36.82 -10.16
CA ILE B 463 13.56 -36.47 -11.43
C ILE B 463 12.55 -36.41 -12.57
N GLU B 464 11.66 -37.44 -12.69
CA GLU B 464 10.67 -37.43 -13.75
C GLU B 464 9.77 -36.19 -13.69
N ARG B 465 9.38 -35.77 -12.48
CA ARG B 465 8.54 -34.58 -12.35
C ARG B 465 9.28 -33.31 -12.67
N LEU B 466 10.54 -33.19 -12.21
CA LEU B 466 11.28 -31.94 -12.42
C LEU B 466 11.87 -31.79 -13.81
N HIS B 467 12.15 -32.90 -14.48
CA HIS B 467 12.84 -32.90 -15.76
C HIS B 467 12.17 -33.68 -16.90
N GLY B 468 11.21 -34.53 -16.57
CA GLY B 468 10.57 -35.38 -17.58
C GLY B 468 11.35 -36.67 -17.76
N LEU B 469 10.71 -37.67 -18.39
CA LEU B 469 11.30 -39.01 -18.65
C LEU B 469 12.61 -38.96 -19.43
N SER B 470 12.78 -37.97 -20.31
CA SER B 470 13.97 -37.81 -21.12
C SER B 470 15.26 -37.76 -20.30
N ALA B 471 15.21 -37.26 -19.02
CA ALA B 471 16.37 -37.19 -18.13
C ALA B 471 17.05 -38.56 -17.93
N PHE B 472 16.29 -39.66 -18.13
CA PHE B 472 16.79 -41.04 -18.00
C PHE B 472 17.29 -41.64 -19.32
N THR B 473 17.11 -40.91 -20.45
CA THR B 473 17.50 -41.41 -21.77
C THR B 473 18.41 -40.48 -22.57
N LEU B 474 18.78 -39.31 -22.02
CA LEU B 474 19.64 -38.37 -22.76
C LEU B 474 20.99 -39.00 -23.18
N HIS B 475 21.39 -38.73 -24.42
CA HIS B 475 22.66 -39.18 -24.99
C HIS B 475 23.07 -38.18 -26.05
N SER B 476 24.25 -38.37 -26.66
CA SER B 476 24.78 -37.47 -27.69
C SER B 476 24.84 -36.00 -27.19
N TYR B 477 25.49 -35.80 -26.05
CA TYR B 477 25.69 -34.48 -25.44
C TYR B 477 26.58 -33.64 -26.37
N SER B 478 26.52 -32.30 -26.26
CA SER B 478 27.29 -31.40 -27.12
C SER B 478 28.83 -31.50 -26.92
N PRO B 479 29.66 -31.32 -27.99
CA PRO B 479 31.13 -31.41 -27.80
C PRO B 479 31.66 -30.47 -26.71
N GLY B 480 31.18 -29.22 -26.67
CA GLY B 480 31.54 -28.24 -25.64
C GLY B 480 31.24 -28.72 -24.22
N GLU B 481 30.06 -29.36 -24.03
CA GLU B 481 29.66 -29.90 -22.73
C GLU B 481 30.51 -31.10 -22.34
N ILE B 482 30.82 -32.00 -23.31
CA ILE B 482 31.67 -33.17 -23.06
C ILE B 482 33.08 -32.66 -22.70
N ASN B 483 33.60 -31.67 -23.47
CA ASN B 483 34.93 -31.06 -23.26
C ASN B 483 35.04 -30.42 -21.89
N ARG B 484 34.04 -29.58 -21.49
CA ARG B 484 34.01 -28.92 -20.17
C ARG B 484 34.09 -29.95 -19.05
N VAL B 485 33.30 -31.04 -19.13
CA VAL B 485 33.31 -32.10 -18.11
C VAL B 485 34.67 -32.82 -18.08
N ALA B 486 35.17 -33.28 -19.25
CA ALA B 486 36.46 -33.97 -19.33
C ALA B 486 37.59 -33.08 -18.81
N SER B 487 37.61 -31.78 -19.19
CA SER B 487 38.61 -30.80 -18.72
C SER B 487 38.55 -30.65 -17.19
N CYS B 488 37.33 -30.53 -16.61
CA CYS B 488 37.15 -30.44 -15.16
C CYS B 488 37.70 -31.69 -14.46
N LEU B 489 37.40 -32.90 -14.97
CA LEU B 489 37.88 -34.14 -14.37
C LEU B 489 39.40 -34.21 -14.35
N ARG B 490 40.05 -33.74 -15.44
CA ARG B 490 41.51 -33.72 -15.56
C ARG B 490 42.10 -32.71 -14.56
N LYS B 491 41.47 -31.52 -14.43
CA LYS B 491 41.87 -30.48 -13.47
C LYS B 491 41.81 -31.02 -12.04
N LEU B 492 40.71 -31.72 -11.68
CA LEU B 492 40.48 -32.26 -10.34
C LEU B 492 41.13 -33.62 -10.03
N GLY B 493 41.50 -34.37 -11.06
CA GLY B 493 42.05 -35.70 -10.89
C GLY B 493 40.95 -36.70 -10.61
N VAL B 494 39.77 -36.49 -11.22
CA VAL B 494 38.62 -37.38 -11.10
C VAL B 494 38.80 -38.47 -12.15
N PRO B 495 38.54 -39.79 -11.84
CA PRO B 495 38.66 -40.82 -12.89
C PRO B 495 37.87 -40.49 -14.15
N PRO B 496 38.36 -40.87 -15.36
CA PRO B 496 37.60 -40.56 -16.59
C PRO B 496 36.21 -41.19 -16.66
N LEU B 497 35.35 -40.61 -17.53
CA LEU B 497 33.96 -41.02 -17.72
C LEU B 497 33.76 -42.51 -17.97
N ARG B 498 34.65 -43.14 -18.78
CA ARG B 498 34.63 -44.57 -19.10
C ARG B 498 34.70 -45.46 -17.84
N THR B 499 35.53 -45.09 -16.85
CA THR B 499 35.68 -45.79 -15.56
C THR B 499 34.36 -45.75 -14.76
N TRP B 500 33.64 -44.60 -14.86
CA TRP B 500 32.37 -44.41 -14.15
C TRP B 500 31.29 -45.35 -14.67
N ARG B 501 31.29 -45.63 -16.00
CA ARG B 501 30.36 -46.58 -16.64
C ARG B 501 30.48 -47.99 -16.04
N HIS B 502 31.72 -48.48 -15.82
CA HIS B 502 31.99 -49.80 -15.23
C HIS B 502 31.47 -49.89 -13.79
N ARG B 503 31.81 -48.88 -12.95
CA ARG B 503 31.38 -48.78 -11.55
C ARG B 503 29.85 -48.76 -11.49
N ALA B 504 29.20 -48.08 -12.47
CA ALA B 504 27.74 -47.94 -12.58
C ALA B 504 27.04 -49.25 -12.89
N ARG B 505 27.64 -50.12 -13.75
CA ARG B 505 27.05 -51.42 -14.12
C ARG B 505 26.92 -52.33 -12.90
N SER B 506 27.94 -52.28 -12.03
CA SER B 506 28.00 -53.03 -10.77
C SER B 506 26.93 -52.52 -9.80
N VAL B 507 26.84 -51.17 -9.62
CA VAL B 507 25.84 -50.52 -8.75
C VAL B 507 24.43 -50.85 -9.26
N ARG B 508 24.20 -50.73 -10.59
CA ARG B 508 22.92 -51.04 -11.22
C ARG B 508 22.47 -52.49 -10.93
N ALA B 509 23.40 -53.47 -11.04
CA ALA B 509 23.13 -54.89 -10.79
C ALA B 509 22.72 -55.13 -9.31
N LYS B 510 23.43 -54.49 -8.37
CA LYS B 510 23.12 -54.61 -6.94
C LYS B 510 21.73 -54.07 -6.58
N LEU B 511 21.33 -52.91 -7.20
CA LEU B 511 20.02 -52.26 -6.98
C LEU B 511 18.88 -53.12 -7.52
N LEU B 512 19.03 -53.67 -8.75
CA LEU B 512 18.01 -54.50 -9.41
C LEU B 512 17.67 -55.78 -8.63
N SER B 513 18.68 -56.38 -7.98
CA SER B 513 18.51 -57.62 -7.20
C SER B 513 17.72 -57.38 -5.91
N GLN B 514 17.85 -56.16 -5.31
CA GLN B 514 17.16 -55.81 -4.06
C GLN B 514 15.66 -55.62 -4.20
N GLY B 515 15.16 -55.52 -5.45
CA GLY B 515 13.75 -55.30 -5.73
C GLY B 515 13.25 -53.93 -5.29
N GLY B 516 11.93 -53.76 -5.32
CA GLY B 516 11.22 -52.55 -4.92
C GLY B 516 11.71 -51.24 -5.52
N ARG B 517 11.78 -50.18 -4.67
CA ARG B 517 12.24 -48.84 -5.05
C ARG B 517 13.67 -48.87 -5.54
N ALA B 518 14.54 -49.70 -4.93
CA ALA B 518 15.94 -49.85 -5.33
C ALA B 518 16.05 -50.36 -6.78
N ALA B 519 15.17 -51.30 -7.18
CA ALA B 519 15.13 -51.83 -8.56
C ALA B 519 14.67 -50.74 -9.55
N ILE B 520 13.77 -49.82 -9.09
CA ILE B 520 13.34 -48.68 -9.91
C ILE B 520 14.55 -47.75 -10.10
N CYS B 521 15.38 -47.56 -9.04
CA CYS B 521 16.61 -46.78 -9.09
C CYS B 521 17.60 -47.38 -10.08
N GLY B 522 17.86 -48.69 -9.97
CA GLY B 522 18.75 -49.42 -10.87
C GLY B 522 18.34 -49.30 -12.33
N ARG B 523 17.03 -49.48 -12.59
CA ARG B 523 16.44 -49.44 -13.93
C ARG B 523 16.46 -48.04 -14.58
N TYR B 524 15.92 -47.02 -13.90
CA TYR B 524 15.80 -45.67 -14.45
C TYR B 524 17.06 -44.84 -14.37
N LEU B 525 17.68 -44.74 -13.17
CA LEU B 525 18.89 -43.93 -13.01
C LEU B 525 20.12 -44.40 -13.76
N PHE B 526 20.23 -45.71 -14.00
CA PHE B 526 21.43 -46.27 -14.62
C PHE B 526 21.22 -46.96 -15.94
N ASN B 527 20.12 -46.61 -16.66
CA ASN B 527 19.84 -47.16 -18.00
C ASN B 527 20.92 -46.73 -19.00
N TRP B 528 21.61 -45.61 -18.73
CA TRP B 528 22.71 -45.12 -19.58
C TRP B 528 23.93 -46.06 -19.57
N ALA B 529 24.15 -46.78 -18.46
CA ALA B 529 25.31 -47.67 -18.21
C ALA B 529 25.28 -49.03 -18.94
N VAL B 530 24.10 -49.51 -19.37
CA VAL B 530 24.00 -50.81 -20.07
C VAL B 530 23.96 -50.71 -21.59
N ARG B 531 24.55 -51.71 -22.27
CA ARG B 531 24.55 -51.87 -23.73
C ARG B 531 23.11 -52.29 -24.07
N THR B 532 22.59 -53.29 -23.33
CA THR B 532 21.25 -53.87 -23.41
C THR B 532 20.27 -52.90 -22.72
N LYS B 533 19.97 -51.75 -23.37
CA LYS B 533 19.09 -50.72 -22.84
C LYS B 533 17.63 -51.13 -22.72
N LEU B 534 17.02 -50.80 -21.56
CA LEU B 534 15.63 -51.13 -21.28
C LEU B 534 14.68 -50.00 -21.68
N LYS B 535 13.45 -50.36 -22.10
CA LYS B 535 12.39 -49.43 -22.46
C LYS B 535 11.82 -48.83 -21.17
N LEU B 536 11.93 -47.51 -21.01
CA LEU B 536 11.48 -46.83 -19.80
C LEU B 536 10.14 -46.13 -20.01
N THR B 537 9.16 -46.45 -19.14
CA THR B 537 7.79 -45.90 -19.18
C THR B 537 7.57 -44.97 -17.96
N PRO B 538 6.51 -44.12 -17.92
CA PRO B 538 6.32 -43.26 -16.75
C PRO B 538 6.24 -44.02 -15.43
N ILE B 539 7.00 -43.53 -14.41
CA ILE B 539 7.06 -44.12 -13.07
C ILE B 539 5.73 -43.85 -12.36
N PRO B 540 5.03 -44.90 -11.89
CA PRO B 540 3.73 -44.69 -11.22
C PRO B 540 3.75 -43.67 -10.07
N ALA B 541 4.76 -43.73 -9.19
CA ALA B 541 4.85 -42.79 -8.06
C ALA B 541 5.11 -41.31 -8.42
N ALA B 542 5.49 -41.00 -9.70
CA ALA B 542 5.72 -39.62 -10.16
C ALA B 542 4.43 -38.78 -10.13
N SER B 543 3.29 -39.35 -10.56
CA SER B 543 1.99 -38.68 -10.56
C SER B 543 1.45 -38.47 -9.13
N GLN B 544 1.88 -39.34 -8.17
CA GLN B 544 1.48 -39.34 -6.76
C GLN B 544 2.18 -38.26 -5.95
N LEU B 545 3.38 -37.82 -6.40
CA LEU B 545 4.23 -36.85 -5.69
C LEU B 545 3.57 -35.54 -5.35
N ASP B 546 3.65 -35.16 -4.08
CA ASP B 546 3.13 -33.88 -3.58
C ASP B 546 4.31 -32.91 -3.57
N LEU B 547 4.45 -32.13 -4.65
CA LEU B 547 5.52 -31.13 -4.79
C LEU B 547 4.97 -29.69 -4.65
N SER B 548 3.80 -29.53 -3.97
CA SER B 548 3.04 -28.29 -3.74
C SER B 548 3.82 -26.98 -3.53
N GLY B 549 4.79 -27.00 -2.61
CA GLY B 549 5.58 -25.83 -2.26
C GLY B 549 7.04 -25.89 -2.68
N TRP B 550 7.37 -26.75 -3.66
CA TRP B 550 8.74 -26.90 -4.14
C TRP B 550 9.23 -25.71 -4.97
N PHE B 551 8.42 -25.32 -5.93
CA PHE B 551 8.73 -24.25 -6.86
C PHE B 551 7.66 -23.19 -6.80
N VAL B 552 7.59 -22.49 -5.65
CA VAL B 552 6.63 -21.42 -5.40
C VAL B 552 7.41 -20.13 -5.17
N ALA B 553 8.41 -20.17 -4.26
CA ALA B 553 9.20 -18.99 -3.93
C ALA B 553 10.60 -19.39 -3.49
N GLY B 554 11.46 -18.39 -3.39
CA GLY B 554 12.82 -18.57 -2.90
C GLY B 554 12.89 -18.23 -1.43
N TYR B 555 13.68 -19.00 -0.69
CA TYR B 555 13.81 -18.80 0.75
C TYR B 555 15.26 -18.76 1.22
N SER B 556 16.23 -18.45 0.34
CA SER B 556 17.64 -18.42 0.79
C SER B 556 17.81 -17.55 2.02
N GLY B 557 18.45 -18.10 3.06
CA GLY B 557 18.72 -17.43 4.33
C GLY B 557 17.51 -17.24 5.22
N GLY B 558 16.34 -17.69 4.73
CA GLY B 558 15.04 -17.54 5.40
C GLY B 558 14.67 -18.54 6.46
N ASP B 559 15.55 -19.56 6.71
CA ASP B 559 15.35 -20.56 7.78
C ASP B 559 14.02 -21.34 7.59
N ILE B 560 13.80 -21.85 6.36
CA ILE B 560 12.58 -22.55 5.99
C ILE B 560 12.81 -24.05 5.79
N TYR B 561 11.90 -24.85 6.35
CA TYR B 561 11.92 -26.30 6.23
C TYR B 561 10.59 -26.73 5.64
N HIS B 562 10.61 -27.45 4.51
CA HIS B 562 9.37 -27.85 3.84
C HIS B 562 8.90 -29.26 4.05
N SER B 563 9.82 -30.22 4.23
CA SER B 563 9.44 -31.63 4.48
C SER B 563 8.68 -31.80 5.81
P PO4 C . -34.48 51.89 -13.26
O1 PO4 C . -33.10 51.96 -13.95
O2 PO4 C . -34.96 50.45 -12.72
O3 PO4 C . -34.50 53.01 -12.18
O4 PO4 C . -35.57 52.25 -14.36
C1 054 D . -22.90 22.92 -2.90
C2 054 D . -22.66 21.56 -3.15
C3 054 D . -22.02 20.75 -2.21
C4 054 D . -22.51 23.51 -1.68
C5 054 D . -21.86 22.72 -0.72
C6 054 D . -21.63 21.36 -1.02
N7 054 D . -20.99 20.83 0.07
C8 054 D . -20.78 21.76 1.06
C9 054 D . -21.31 22.95 0.56
C10 054 D . -20.10 21.44 2.31
O11 054 D . -19.20 20.63 2.45
O12 054 D . -20.43 22.26 3.34
C13 054 D . -20.56 19.46 0.18
C14 054 D . -21.47 18.63 1.04
C15 054 D . -23.58 23.69 -3.98
C16 054 D . -21.04 17.33 1.28
C17 054 D . -21.82 16.51 2.06
N18 054 D . -23.02 16.88 2.58
C19 054 D . -23.46 18.14 2.31
C20 054 D . -22.71 19.04 1.54
N21 054 D . -21.30 24.15 1.29
C22 054 D . -20.01 24.71 1.57
N23 054 D . -20.01 25.82 2.39
C24 054 D . -22.56 24.61 1.74
O25 054 D . -23.64 24.08 1.46
O26 054 D . -18.96 24.25 1.10
C27 054 D . -23.47 26.41 3.26
C28 054 D . -22.44 25.76 2.63
C29 054 D . -21.19 26.34 2.93
C30 054 D . -21.29 27.41 3.79
S31 054 D . -22.92 27.71 4.22
F32 054 D . -22.91 23.63 -5.15
F33 054 D . -24.82 23.22 -4.23
F34 054 D . -23.77 25.00 -3.71
N35 054 D . -24.69 18.54 2.81
C1 054 E . 18.91 -24.41 -11.31
C2 054 E . 18.46 -23.11 -11.60
C3 054 E . 18.32 -22.16 -10.60
C4 054 E . 19.25 -24.80 -9.99
C5 054 E . 19.10 -23.86 -8.98
C6 054 E . 18.65 -22.58 -9.29
N7 054 E . 18.60 -21.88 -8.11
C8 054 E . 19.00 -22.62 -7.04
C9 054 E . 19.33 -23.87 -7.56
C10 054 E . 19.02 -22.10 -5.68
O11 054 E . 18.28 -21.25 -5.23
O12 054 E . 19.95 -22.71 -4.90
C13 054 E . 18.18 -20.50 -8.00
C14 054 E . 19.32 -19.55 -7.84
C15 054 E . 19.01 -25.35 -12.44
C16 054 E . 18.95 -18.22 -7.59
C17 054 E . 19.94 -17.28 -7.44
N18 054 E . 21.26 -17.54 -7.55
C19 054 E . 21.62 -18.83 -7.82
C20 054 E . 20.68 -19.87 -7.97
N21 054 E . 19.80 -24.93 -6.78
C22 054 E . 18.90 -25.42 -5.78
N23 054 E . 19.42 -26.39 -4.94
C24 054 E . 21.14 -25.34 -7.00
O25 054 E . 21.88 -24.90 -7.89
O26 054 E . 17.74 -25.04 -5.66
C27 054 E . 22.82 -26.93 -5.99
C28 054 E . 21.57 -26.35 -6.06
C29 054 E . 20.71 -26.84 -5.05
C30 054 E . 21.31 -27.78 -4.25
S31 054 E . 22.93 -28.08 -4.72
F32 054 E . 17.80 -25.52 -13.04
F33 054 E . 19.85 -24.89 -13.40
F34 054 E . 19.44 -26.60 -12.12
N35 054 E . 22.98 -19.12 -7.96
#